data_8PLQ
#
_entry.id   8PLQ
#
_cell.length_a   62.301
_cell.length_b   103.838
_cell.length_c   134.815
_cell.angle_alpha   90.000
_cell.angle_beta   91.600
_cell.angle_gamma   90.000
#
_symmetry.space_group_name_H-M   'P 1 21 1'
#
loop_
_entity.id
_entity.type
_entity.pdbx_description
1 polymer 'Thioredoxin glutathione reductase'
2 non-polymer 'FLAVIN-ADENINE DINUCLEOTIDE'
3 non-polymer ~{N}-(1-ethylbenzimidazol-2-yl)ethanamide
4 water water
#
_entity_poly.entity_id   1
_entity_poly.type   'polypeptide(L)'
_entity_poly.pdbx_seq_one_letter_code
;GPPPADGTSQWLRKTVDSAAVILFSKTTCPYCKKVKDVLAEAKIKHATIELDQLSNGSAIQKCLASFSKIETVPQMFVRG
KFIGDSQTVLKYYSNDELAGIVNESKYDYDLIVIGGGSGGLAAGKEAAKYGAKTAVLDYVEPTPIGTTWGLGGTCVNVGC
IPKKLMHQAGLLSHALEDAEHFGWSLDRSKISHNWSTMVEGVQSHIGSLNWGYKVALRDNQVTYLNAKGRLISPHEVQIT
DKNQKVSTITGNKIILATGERPKYPEIPGAVEYGITSDDLFSLPYFPGKTLVIGASYVALECAGFLASLGGDVTVMVRSI
LLRGFDQQMAEKVGDYMENHGVKFAKLCVPDEIKQLKVVDTENNKPGLLLVKGHYTDGKKFEEEFETVIFAVGREPQLSK
VLCETVGVKLDKNGRVVCTDDEQTTVSNVYAIGDINAGKPQLTPVAIQAGRYLARRLFAGATELTDYSNVATTVFTPLEY
GACGLSEEDAIEKYGDKDIEVYHSNFKPLEWTVAHREDNVCYMKLVCRKSDNMRVLGLHVLGPNAGEITQGYAVAIKMGA
TKADFDRTIGIHPTCSETFTTLHVTKKSGVSPIVSGC
;
_entity_poly.pdbx_strand_id   A,B
#
loop_
_chem_comp.id
_chem_comp.type
_chem_comp.name
_chem_comp.formula
FAD non-polymer 'FLAVIN-ADENINE DINUCLEOTIDE' 'C27 H33 N9 O15 P2'
TEK non-polymer ~{N}-(1-ethylbenzimidazol-2-yl)ethanamide 'C11 H13 N3 O'
#
# COMPACT_ATOMS: atom_id res chain seq x y z
N GLY A 7 16.07 15.81 -17.04
CA GLY A 7 17.51 16.04 -17.00
C GLY A 7 18.05 16.07 -15.58
N THR A 8 17.90 17.23 -14.93
CA THR A 8 18.12 17.28 -13.48
C THR A 8 17.05 16.48 -12.74
N SER A 9 15.82 16.50 -13.25
CA SER A 9 14.73 15.76 -12.61
C SER A 9 15.00 14.26 -12.60
N GLN A 10 15.67 13.74 -13.64
CA GLN A 10 15.97 12.31 -13.65
C GLN A 10 17.05 11.96 -12.65
N TRP A 11 17.95 12.92 -12.34
CA TRP A 11 18.94 12.70 -11.30
C TRP A 11 18.31 12.65 -9.92
N LEU A 12 17.43 13.62 -9.62
CA LEU A 12 16.84 13.65 -8.29
C LEU A 12 15.98 12.42 -8.03
N ARG A 13 15.26 11.94 -9.04
CA ARG A 13 14.46 10.74 -8.86
C ARG A 13 15.35 9.52 -8.60
N LYS A 14 16.50 9.45 -9.27
CA LYS A 14 17.37 8.29 -9.06
C LYS A 14 18.04 8.37 -7.69
N THR A 15 18.44 9.57 -7.28
CA THR A 15 19.07 9.75 -5.97
C THR A 15 18.09 9.45 -4.83
N VAL A 16 16.86 9.96 -4.93
CA VAL A 16 15.91 9.77 -3.83
C VAL A 16 15.51 8.30 -3.70
N ASP A 17 15.48 7.56 -4.81
CA ASP A 17 15.00 6.17 -4.80
C ASP A 17 16.02 5.20 -4.21
N SER A 18 17.32 5.39 -4.46
CA SER A 18 18.30 4.43 -3.92
C SER A 18 18.95 4.88 -2.62
N ALA A 19 19.10 6.19 -2.38
CA ALA A 19 19.63 6.64 -1.08
C ALA A 19 18.87 5.98 0.06
N ALA A 20 19.56 5.70 1.16
CA ALA A 20 18.96 5.06 2.33
C ALA A 20 18.39 6.06 3.32
N VAL A 21 19.21 7.03 3.74
CA VAL A 21 18.80 8.18 4.55
C VAL A 21 19.53 9.38 3.96
N ILE A 22 18.79 10.40 3.51
CA ILE A 22 19.40 11.54 2.82
C ILE A 22 18.71 12.83 3.24
N LEU A 23 19.51 13.85 3.54
CA LEU A 23 19.02 15.15 3.99
C LEU A 23 19.35 16.19 2.91
N PHE A 24 18.31 16.88 2.42
CA PHE A 24 18.49 18.00 1.49
C PHE A 24 18.53 19.28 2.31
N SER A 25 19.61 20.06 2.15
CA SER A 25 19.95 21.07 3.14
C SER A 25 20.55 22.31 2.48
N LYS A 26 20.81 23.32 3.32
CA LYS A 26 21.60 24.50 2.98
C LYS A 26 22.54 24.82 4.12
N THR A 27 23.79 25.15 3.77
CA THR A 27 24.84 25.40 4.76
C THR A 27 24.49 26.58 5.66
N THR A 28 23.70 27.52 5.16
CA THR A 28 23.41 28.78 5.81
C THR A 28 22.23 28.72 6.77
N CYS A 29 21.49 27.59 6.80
CA CYS A 29 20.17 27.48 7.41
C CYS A 29 20.26 26.89 8.81
N PRO A 30 19.72 27.56 9.84
CA PRO A 30 19.76 26.99 11.20
C PRO A 30 18.71 25.91 11.44
N TYR A 31 17.63 25.92 10.65
CA TYR A 31 16.66 24.83 10.76
C TYR A 31 17.26 23.53 10.24
N CYS A 32 18.10 23.62 9.19
CA CYS A 32 18.84 22.46 8.73
C CYS A 32 19.81 21.96 9.78
N LYS A 33 20.51 22.89 10.46
CA LYS A 33 21.51 22.50 11.44
C LYS A 33 20.86 21.78 12.63
N LYS A 34 19.67 22.25 13.04
CA LYS A 34 19.00 21.60 14.17
C LYS A 34 18.56 20.18 13.80
N VAL A 35 18.23 19.94 12.54
CA VAL A 35 17.95 18.57 12.11
C VAL A 35 19.24 17.76 12.09
N LYS A 36 20.30 18.31 11.50
CA LYS A 36 21.59 17.64 11.54
C LYS A 36 21.98 17.30 12.97
N ASP A 37 21.65 18.17 13.92
CA ASP A 37 22.04 17.91 15.30
C ASP A 37 21.22 16.77 15.91
N VAL A 38 19.92 16.69 15.59
CA VAL A 38 19.12 15.54 16.01
C VAL A 38 19.62 14.25 15.36
N LEU A 39 20.05 14.31 14.11
CA LEU A 39 20.74 13.18 13.46
C LEU A 39 22.25 13.44 13.50
N ALA A 40 22.92 13.00 14.56
CA ALA A 40 22.54 12.02 15.57
C ALA A 40 23.75 11.75 16.48
N GLU A 41 23.64 11.90 17.79
CA GLU A 41 22.60 12.19 18.78
C GLU A 41 21.72 10.97 18.92
N ALA A 42 21.18 10.49 17.79
CA ALA A 42 20.46 9.23 17.73
C ALA A 42 21.20 8.18 16.91
N LYS A 43 22.50 8.39 16.64
CA LYS A 43 23.39 7.47 15.90
C LYS A 43 22.84 7.11 14.51
N ILE A 44 22.11 8.03 13.88
CA ILE A 44 21.52 7.86 12.55
C ILE A 44 22.48 8.46 11.53
N LYS A 45 23.13 7.60 10.73
CA LYS A 45 23.99 8.04 9.65
C LYS A 45 23.17 8.34 8.41
N HIS A 46 23.61 9.34 7.65
CA HIS A 46 22.83 9.80 6.51
C HIS A 46 23.73 10.49 5.52
N ALA A 47 23.30 10.52 4.27
CA ALA A 47 23.94 11.38 3.31
C ALA A 47 23.36 12.79 3.43
N THR A 48 24.09 13.77 2.89
CA THR A 48 23.69 15.16 2.97
C THR A 48 24.05 15.83 1.66
N ILE A 49 23.12 16.60 1.11
CA ILE A 49 23.33 17.35 -0.12
C ILE A 49 23.06 18.81 0.20
N GLU A 50 24.05 19.68 -0.03
CA GLU A 50 23.94 21.10 0.30
C GLU A 50 23.54 21.85 -0.96
N LEU A 51 22.26 22.23 -1.04
CA LEU A 51 21.73 22.85 -2.26
C LEU A 51 22.49 24.11 -2.64
N ASP A 52 22.95 24.89 -1.66
CA ASP A 52 23.69 26.12 -1.95
C ASP A 52 25.13 25.88 -2.39
N GLN A 53 25.56 24.64 -2.53
CA GLN A 53 26.86 24.33 -3.08
C GLN A 53 26.82 23.94 -4.55
N LEU A 54 25.65 23.58 -5.07
CA LEU A 54 25.51 23.13 -6.44
C LEU A 54 25.04 24.28 -7.33
N SER A 55 25.53 24.29 -8.57
CA SER A 55 25.24 25.40 -9.46
C SER A 55 23.76 25.45 -9.82
N ASN A 56 23.13 24.28 -10.00
CA ASN A 56 21.71 24.23 -10.28
C ASN A 56 20.89 23.82 -9.05
N GLY A 57 21.30 24.27 -7.86
CA GLY A 57 20.54 23.96 -6.66
C GLY A 57 19.12 24.52 -6.70
N SER A 58 18.92 25.62 -7.42
CA SER A 58 17.60 26.23 -7.52
C SER A 58 16.62 25.29 -8.23
N ALA A 59 17.08 24.62 -9.29
CA ALA A 59 16.24 23.62 -9.96
C ALA A 59 15.94 22.43 -9.05
N ILE A 60 16.95 21.90 -8.35
CA ILE A 60 16.74 20.74 -7.48
C ILE A 60 15.71 21.06 -6.41
N GLN A 61 15.84 22.23 -5.77
CA GLN A 61 14.86 22.68 -4.79
C GLN A 61 13.45 22.63 -5.36
N LYS A 62 13.25 23.19 -6.55
CA LYS A 62 11.94 23.16 -7.18
C LYS A 62 11.51 21.72 -7.47
N CYS A 63 12.44 20.89 -7.94
CA CYS A 63 12.08 19.53 -8.35
C CYS A 63 11.71 18.66 -7.14
N LEU A 64 12.29 18.96 -5.97
CA LEU A 64 11.93 18.25 -4.73
C LEU A 64 10.44 18.27 -4.49
N ALA A 65 9.77 19.38 -4.85
CA ALA A 65 8.35 19.52 -4.56
C ALA A 65 7.53 18.41 -5.21
N SER A 66 7.98 17.88 -6.35
CA SER A 66 7.27 16.77 -6.98
C SER A 66 7.19 15.56 -6.06
N PHE A 67 8.03 15.52 -5.03
CA PHE A 67 8.11 14.44 -4.06
C PHE A 67 7.42 14.77 -2.74
N SER A 68 7.62 15.99 -2.23
CA SER A 68 7.20 16.35 -0.89
C SER A 68 6.05 17.35 -0.87
N LYS A 69 5.63 17.86 -2.03
CA LYS A 69 4.70 18.96 -2.16
C LYS A 69 5.19 20.25 -1.50
N ILE A 70 6.41 20.26 -0.99
CA ILE A 70 7.00 21.48 -0.43
C ILE A 70 8.29 21.80 -1.17
N GLU A 71 8.77 23.05 -1.00
CA GLU A 71 9.89 23.59 -1.76
C GLU A 71 10.98 24.21 -0.89
N THR A 72 10.99 23.92 0.40
CA THR A 72 11.96 24.51 1.32
C THR A 72 12.95 23.45 1.79
N VAL A 73 13.99 23.91 2.49
CA VAL A 73 14.90 23.01 3.19
C VAL A 73 14.71 23.24 4.69
N PRO A 74 14.88 22.22 5.56
CA PRO A 74 15.33 20.84 5.32
C PRO A 74 14.27 19.86 4.84
N GLN A 75 14.66 18.95 3.95
CA GLN A 75 13.83 17.81 3.55
C GLN A 75 14.61 16.54 3.81
N MET A 76 14.00 15.60 4.52
CA MET A 76 14.65 14.34 4.88
C MET A 76 13.88 13.15 4.32
N PHE A 77 14.57 12.29 3.57
CA PHE A 77 13.99 11.10 2.95
C PHE A 77 14.59 9.84 3.54
N VAL A 78 13.82 8.75 3.49
CA VAL A 78 14.28 7.43 3.92
C VAL A 78 13.80 6.44 2.85
N ARG A 79 14.75 5.86 2.12
CA ARG A 79 14.49 4.79 1.17
C ARG A 79 13.37 5.17 0.20
N GLY A 80 13.45 6.39 -0.33
CA GLY A 80 12.57 6.84 -1.36
C GLY A 80 11.31 7.55 -0.91
N LYS A 81 11.05 7.60 0.39
CA LYS A 81 9.82 8.17 0.94
C LYS A 81 10.13 9.44 1.74
N PHE A 82 9.44 10.54 1.42
CA PHE A 82 9.60 11.79 2.15
C PHE A 82 9.07 11.64 3.57
N ILE A 83 9.85 12.11 4.54
CA ILE A 83 9.56 11.89 5.95
C ILE A 83 9.07 13.17 6.62
N GLY A 84 9.59 14.33 6.24
CA GLY A 84 9.07 15.57 6.78
C GLY A 84 10.10 16.66 6.80
N ASP A 85 9.64 17.85 7.21
CA ASP A 85 10.45 19.04 7.36
C ASP A 85 11.04 19.07 8.77
N SER A 86 11.46 20.25 9.23
CA SER A 86 12.03 20.36 10.57
C SER A 86 11.03 19.97 11.64
N GLN A 87 9.85 20.62 11.64
CA GLN A 87 8.87 20.35 12.69
C GLN A 87 8.49 18.88 12.73
N THR A 88 8.37 18.25 11.54
CA THR A 88 7.93 16.86 11.50
C THR A 88 8.99 15.89 12.03
N VAL A 89 10.27 16.16 11.76
CA VAL A 89 11.32 15.29 12.28
C VAL A 89 11.36 15.36 13.80
N LEU A 90 11.37 16.57 14.37
CA LEU A 90 11.44 16.70 15.83
C LEU A 90 10.24 16.07 16.52
N LYS A 91 9.05 16.22 15.93
CA LYS A 91 7.88 15.52 16.45
C LYS A 91 8.14 14.02 16.56
N TYR A 92 8.72 13.43 15.51
CA TYR A 92 9.09 12.02 15.56
C TYR A 92 10.17 11.74 16.59
N TYR A 93 11.10 12.68 16.78
CA TYR A 93 12.15 12.50 17.77
C TYR A 93 11.57 12.45 19.19
N SER A 94 10.89 13.52 19.62
CA SER A 94 10.45 13.60 20.99
C SER A 94 9.28 12.67 21.29
N ASN A 95 8.72 12.00 20.29
CA ASN A 95 7.66 11.02 20.48
C ASN A 95 8.17 9.58 20.41
N ASP A 96 9.50 9.40 20.32
CA ASP A 96 10.12 8.06 20.25
C ASP A 96 9.73 7.31 18.97
N GLU A 97 9.38 8.03 17.90
CA GLU A 97 8.95 7.37 16.67
C GLU A 97 10.05 7.31 15.62
N LEU A 98 11.13 8.07 15.80
CA LEU A 98 12.09 8.31 14.72
C LEU A 98 12.90 7.07 14.37
N ALA A 99 13.36 6.33 15.37
CA ALA A 99 14.22 5.18 15.08
C ALA A 99 13.51 4.13 14.24
N GLY A 100 12.20 3.94 14.46
CA GLY A 100 11.48 2.96 13.68
C GLY A 100 11.24 3.38 12.25
N ILE A 101 11.11 4.69 12.03
CA ILE A 101 10.99 5.23 10.68
C ILE A 101 12.25 4.92 9.87
N VAL A 102 13.43 5.19 10.44
CA VAL A 102 14.69 5.08 9.68
C VAL A 102 15.14 3.64 9.47
N ASN A 103 14.57 2.69 10.20
CA ASN A 103 14.85 1.28 9.99
C ASN A 103 13.78 0.58 9.19
N GLU A 104 12.83 1.32 8.62
CA GLU A 104 11.82 0.73 7.76
C GLU A 104 12.43 0.31 6.44
N SER A 105 12.25 -0.95 6.06
CA SER A 105 12.78 -1.40 4.79
C SER A 105 12.04 -2.64 4.29
N LYS A 106 11.76 -2.67 3.00
CA LYS A 106 11.27 -3.87 2.34
C LYS A 106 12.29 -5.00 2.38
N TYR A 107 13.57 -4.70 2.63
CA TYR A 107 14.64 -5.68 2.57
C TYR A 107 15.40 -5.77 3.91
N ASP A 108 16.10 -6.89 4.08
CA ASP A 108 17.00 -7.05 5.23
C ASP A 108 18.09 -5.98 5.23
N TYR A 109 18.70 -5.74 4.07
CA TYR A 109 19.82 -4.81 3.98
C TYR A 109 19.61 -3.89 2.80
N ASP A 110 20.17 -2.68 2.90
CA ASP A 110 20.19 -1.80 1.74
C ASP A 110 21.19 -2.29 0.69
N LEU A 111 22.23 -3.03 1.11
CA LEU A 111 23.30 -3.43 0.21
C LEU A 111 23.92 -4.72 0.73
N ILE A 112 24.00 -5.73 -0.13
CA ILE A 112 24.74 -6.96 0.15
C ILE A 112 25.93 -7.03 -0.81
N VAL A 113 27.13 -7.16 -0.25
CA VAL A 113 28.35 -7.34 -1.01
C VAL A 113 28.72 -8.82 -0.97
N ILE A 114 28.89 -9.44 -2.13
CA ILE A 114 29.34 -10.83 -2.21
C ILE A 114 30.83 -10.83 -2.55
N GLY A 115 31.64 -11.17 -1.56
CA GLY A 115 33.09 -11.15 -1.69
C GLY A 115 33.74 -10.15 -0.75
N GLY A 116 34.64 -10.63 0.12
CA GLY A 116 35.29 -9.78 1.09
C GLY A 116 36.74 -9.44 0.74
N GLY A 117 36.95 -8.90 -0.47
CA GLY A 117 38.29 -8.63 -0.96
C GLY A 117 38.55 -7.16 -1.17
N SER A 118 39.51 -6.85 -2.04
CA SER A 118 39.89 -5.46 -2.27
C SER A 118 38.68 -4.59 -2.59
N GLY A 119 37.90 -4.99 -3.61
CA GLY A 119 36.79 -4.15 -4.04
C GLY A 119 35.60 -4.24 -3.09
N GLY A 120 35.25 -5.46 -2.68
CA GLY A 120 34.10 -5.63 -1.80
C GLY A 120 34.23 -4.88 -0.48
N LEU A 121 35.38 -5.03 0.19
CA LEU A 121 35.59 -4.30 1.45
C LEU A 121 35.48 -2.80 1.23
N ALA A 122 36.04 -2.29 0.13
CA ALA A 122 36.00 -0.85 -0.11
C ALA A 122 34.58 -0.35 -0.32
N ALA A 123 33.81 -1.06 -1.15
CA ALA A 123 32.42 -0.68 -1.42
C ALA A 123 31.59 -0.70 -0.15
N GLY A 124 31.75 -1.74 0.67
CA GLY A 124 30.93 -1.87 1.86
C GLY A 124 31.19 -0.76 2.86
N LYS A 125 32.47 -0.46 3.12
CA LYS A 125 32.78 0.57 4.12
C LYS A 125 32.24 1.91 3.70
N GLU A 126 32.32 2.21 2.39
CA GLU A 126 31.89 3.52 1.90
C GLU A 126 30.37 3.67 1.95
N ALA A 127 29.63 2.59 1.68
CA ALA A 127 28.17 2.68 1.73
C ALA A 127 27.68 2.90 3.16
N ALA A 128 28.29 2.21 4.12
CA ALA A 128 27.92 2.40 5.52
C ALA A 128 28.07 3.86 5.95
N LYS A 129 29.05 4.59 5.40
CA LYS A 129 29.25 5.98 5.79
C LYS A 129 28.07 6.88 5.48
N TYR A 130 27.15 6.46 4.62
CA TYR A 130 25.95 7.24 4.31
C TYR A 130 24.69 6.55 4.80
N GLY A 131 24.82 5.71 5.81
CA GLY A 131 23.65 5.16 6.48
C GLY A 131 23.05 3.94 5.82
N ALA A 132 23.69 3.38 4.79
CA ALA A 132 23.18 2.16 4.18
C ALA A 132 23.42 0.98 5.12
N LYS A 133 22.37 0.22 5.39
CA LYS A 133 22.51 -0.99 6.18
C LYS A 133 23.15 -2.07 5.31
N THR A 134 24.33 -2.54 5.73
CA THR A 134 25.25 -3.23 4.82
C THR A 134 25.69 -4.58 5.39
N ALA A 135 25.79 -5.56 4.51
CA ALA A 135 26.34 -6.87 4.85
C ALA A 135 27.46 -7.22 3.89
N VAL A 136 28.58 -7.71 4.41
CA VAL A 136 29.68 -8.19 3.60
C VAL A 136 29.86 -9.68 3.87
N LEU A 137 29.77 -10.48 2.81
CA LEU A 137 29.95 -11.92 2.87
C LEU A 137 31.34 -12.25 2.35
N ASP A 138 32.04 -13.16 3.03
CA ASP A 138 33.33 -13.63 2.52
C ASP A 138 33.61 -15.05 2.98
N TYR A 139 34.15 -15.85 2.06
CA TYR A 139 34.45 -17.26 2.28
C TYR A 139 35.62 -17.63 1.39
N VAL A 140 36.54 -18.43 1.92
CA VAL A 140 37.75 -18.82 1.20
C VAL A 140 37.70 -20.33 1.01
N GLU A 141 37.31 -20.76 -0.19
CA GLU A 141 37.36 -22.18 -0.50
C GLU A 141 38.81 -22.66 -0.43
N PRO A 142 39.09 -23.75 0.29
CA PRO A 142 40.48 -24.23 0.37
C PRO A 142 41.03 -24.65 -0.98
N THR A 143 42.34 -24.61 -1.07
CA THR A 143 43.07 -25.12 -2.23
C THR A 143 43.06 -26.65 -2.17
N PRO A 144 43.53 -27.32 -3.23
CA PRO A 144 43.52 -28.80 -3.19
C PRO A 144 44.24 -29.44 -2.00
N ILE A 145 45.39 -28.90 -1.57
CA ILE A 145 46.02 -29.45 -0.36
C ILE A 145 45.47 -28.87 0.93
N GLY A 146 44.44 -28.01 0.85
CA GLY A 146 43.79 -27.51 2.04
C GLY A 146 44.20 -26.14 2.56
N THR A 147 44.97 -25.36 1.78
CA THR A 147 45.39 -24.05 2.26
C THR A 147 44.19 -23.11 2.30
N THR A 148 44.11 -22.33 3.37
CA THR A 148 43.01 -21.38 3.56
C THR A 148 43.58 -20.17 4.31
N TRP A 149 42.84 -19.04 4.28
CA TRP A 149 43.31 -17.79 4.90
C TRP A 149 42.11 -16.92 5.31
N GLY A 150 42.41 -15.68 5.72
CA GLY A 150 41.46 -14.82 6.39
C GLY A 150 40.90 -13.70 5.53
N LEU A 151 40.14 -12.83 6.18
CA LEU A 151 39.44 -11.75 5.50
C LEU A 151 40.41 -10.82 4.76
N GLY A 152 40.01 -10.38 3.56
CA GLY A 152 40.73 -9.32 2.90
C GLY A 152 41.02 -9.52 1.42
N GLY A 153 40.91 -10.74 0.91
CA GLY A 153 41.03 -11.00 -0.52
C GLY A 153 42.39 -11.53 -0.95
N THR A 154 42.53 -11.64 -2.27
CA THR A 154 43.70 -12.24 -2.89
C THR A 154 44.97 -11.40 -2.64
N CYS A 155 44.89 -10.08 -2.84
CA CYS A 155 46.06 -9.23 -2.70
C CYS A 155 46.64 -9.29 -1.29
N VAL A 156 45.78 -9.10 -0.29
CA VAL A 156 46.18 -9.05 1.12
C VAL A 156 46.80 -10.37 1.57
N ASN A 157 46.21 -11.49 1.14
CA ASN A 157 46.53 -12.81 1.68
C ASN A 157 47.47 -13.64 0.80
N VAL A 158 47.32 -13.58 -0.52
CA VAL A 158 48.06 -14.48 -1.41
C VAL A 158 48.43 -13.77 -2.72
N GLY A 159 48.60 -12.44 -2.67
CA GLY A 159 48.94 -11.66 -3.85
C GLY A 159 49.92 -10.52 -3.58
N CYS A 160 49.55 -9.26 -3.90
CA CYS A 160 50.50 -8.14 -3.85
C CYS A 160 51.27 -8.07 -2.53
N ILE A 161 50.57 -8.16 -1.40
CA ILE A 161 51.22 -7.90 -0.10
C ILE A 161 52.29 -8.96 0.21
N PRO A 162 52.00 -10.26 0.26
CA PRO A 162 53.09 -11.21 0.53
C PRO A 162 54.13 -11.31 -0.57
N LYS A 163 53.79 -11.07 -1.84
CA LYS A 163 54.83 -11.23 -2.86
C LYS A 163 55.81 -10.06 -2.92
N LYS A 164 55.37 -8.83 -2.60
CA LYS A 164 56.33 -7.74 -2.54
C LYS A 164 57.25 -7.89 -1.32
N LEU A 165 56.71 -8.36 -0.20
CA LEU A 165 57.55 -8.63 0.96
C LEU A 165 58.64 -9.64 0.63
N MET A 166 58.28 -10.74 -0.05
CA MET A 166 59.28 -11.74 -0.45
C MET A 166 60.25 -11.18 -1.48
N HIS A 167 59.74 -10.36 -2.42
CA HIS A 167 60.61 -9.63 -3.35
C HIS A 167 61.64 -8.81 -2.59
N GLN A 168 61.19 -8.10 -1.55
CA GLN A 168 62.10 -7.28 -0.74
C GLN A 168 63.17 -8.15 -0.07
N ALA A 169 62.76 -9.30 0.46
CA ALA A 169 63.74 -10.25 0.98
C ALA A 169 64.78 -10.58 -0.09
N GLY A 170 64.34 -10.72 -1.34
CA GLY A 170 65.29 -11.01 -2.42
C GLY A 170 66.22 -9.85 -2.74
N LEU A 171 65.67 -8.62 -2.80
CA LEU A 171 66.49 -7.44 -3.05
C LEU A 171 67.55 -7.27 -1.97
N LEU A 172 67.20 -7.59 -0.73
CA LEU A 172 68.17 -7.43 0.34
C LEU A 172 69.45 -8.25 0.11
N SER A 173 69.40 -9.30 -0.73
CA SER A 173 70.62 -10.08 -0.93
C SER A 173 71.69 -9.28 -1.68
N HIS A 174 71.25 -8.46 -2.65
CA HIS A 174 72.19 -7.59 -3.36
C HIS A 174 72.58 -6.38 -2.55
N ALA A 175 71.73 -5.94 -1.61
CA ALA A 175 72.16 -4.94 -0.65
C ALA A 175 73.36 -5.44 0.16
N LEU A 176 73.28 -6.67 0.68
CA LEU A 176 74.40 -7.24 1.43
C LEU A 176 75.66 -7.32 0.57
N GLU A 177 75.53 -7.75 -0.70
CA GLU A 177 76.65 -7.69 -1.64
C GLU A 177 77.16 -6.26 -1.82
N ASP A 178 76.27 -5.33 -2.15
CA ASP A 178 76.71 -3.97 -2.41
C ASP A 178 77.40 -3.35 -1.21
N ALA A 179 77.07 -3.82 0.00
CA ALA A 179 77.56 -3.19 1.22
C ALA A 179 79.08 -3.30 1.38
N GLU A 180 79.69 -4.40 0.92
CA GLU A 180 81.13 -4.52 1.06
C GLU A 180 81.85 -3.46 0.23
N HIS A 181 81.35 -3.21 -0.97
CA HIS A 181 82.00 -2.23 -1.82
C HIS A 181 81.91 -0.82 -1.23
N PHE A 182 80.89 -0.56 -0.42
CA PHE A 182 80.75 0.77 0.19
C PHE A 182 81.46 0.88 1.52
N GLY A 183 82.18 -0.16 1.96
CA GLY A 183 83.02 -0.09 3.15
C GLY A 183 82.56 -0.93 4.35
N TRP A 184 81.48 -1.71 4.25
CA TRP A 184 81.07 -2.49 5.40
C TRP A 184 81.83 -3.81 5.43
N SER A 185 82.11 -4.30 6.64
CA SER A 185 83.06 -5.39 6.83
C SER A 185 82.49 -6.77 6.50
N LEU A 186 81.16 -6.94 6.49
CA LEU A 186 80.57 -8.26 6.31
C LEU A 186 81.07 -8.99 5.06
N ASP A 187 80.89 -10.31 5.02
CA ASP A 187 81.25 -11.14 3.86
C ASP A 187 80.02 -11.91 3.38
N ARG A 188 79.47 -11.47 2.25
CA ARG A 188 78.20 -12.01 1.76
C ARG A 188 78.25 -13.52 1.57
N SER A 189 79.41 -14.07 1.23
CA SER A 189 79.47 -15.50 0.92
C SER A 189 79.35 -16.39 2.15
N LYS A 190 79.38 -15.83 3.36
CA LYS A 190 79.21 -16.60 4.59
C LYS A 190 77.81 -16.42 5.20
N ILE A 191 76.83 -15.98 4.42
CA ILE A 191 75.50 -15.66 4.91
C ILE A 191 74.47 -16.41 4.09
N SER A 192 73.45 -16.94 4.76
CA SER A 192 72.43 -17.75 4.10
C SER A 192 71.05 -17.22 4.51
N HIS A 193 70.00 -17.78 3.91
CA HIS A 193 68.63 -17.35 4.14
C HIS A 193 67.79 -18.48 4.75
N ASN A 194 66.95 -18.11 5.72
CA ASN A 194 66.04 -19.03 6.42
C ASN A 194 64.61 -18.73 5.97
N TRP A 195 64.05 -19.64 5.18
CA TRP A 195 62.73 -19.44 4.61
C TRP A 195 61.65 -19.35 5.68
N SER A 196 61.65 -20.28 6.63
CA SER A 196 60.54 -20.29 7.57
C SER A 196 60.55 -19.05 8.47
N THR A 197 61.72 -18.48 8.77
CA THR A 197 61.74 -17.22 9.49
C THR A 197 61.06 -16.13 8.67
N MET A 198 61.32 -16.10 7.37
CA MET A 198 60.68 -15.09 6.52
C MET A 198 59.16 -15.30 6.42
N VAL A 199 58.71 -16.55 6.24
CA VAL A 199 57.28 -16.81 6.13
C VAL A 199 56.56 -16.39 7.42
N GLU A 200 57.17 -16.66 8.58
CA GLU A 200 56.58 -16.27 9.86
C GLU A 200 56.35 -14.76 9.95
N GLY A 201 57.34 -13.97 9.52
CA GLY A 201 57.19 -12.53 9.60
C GLY A 201 56.16 -12.00 8.61
N VAL A 202 56.13 -12.56 7.40
CA VAL A 202 55.13 -12.19 6.40
C VAL A 202 53.74 -12.52 6.91
N GLN A 203 53.59 -13.72 7.49
CA GLN A 203 52.26 -14.17 7.90
C GLN A 203 51.76 -13.39 9.11
N SER A 204 52.66 -12.99 10.01
CA SER A 204 52.31 -12.08 11.09
C SER A 204 51.73 -10.76 10.59
N HIS A 205 52.34 -10.16 9.56
CA HIS A 205 51.76 -8.92 9.02
C HIS A 205 50.41 -9.18 8.37
N ILE A 206 50.28 -10.28 7.62
CA ILE A 206 49.00 -10.59 6.98
C ILE A 206 47.91 -10.77 8.04
N GLY A 207 48.27 -11.43 9.15
CA GLY A 207 47.32 -11.61 10.24
C GLY A 207 46.87 -10.30 10.85
N SER A 208 47.76 -9.31 10.93
CA SER A 208 47.31 -8.01 11.43
C SER A 208 46.42 -7.30 10.42
N LEU A 209 46.54 -7.59 9.13
CA LEU A 209 45.59 -7.02 8.17
C LEU A 209 44.23 -7.71 8.29
N ASN A 210 44.21 -9.05 8.44
CA ASN A 210 42.96 -9.77 8.69
C ASN A 210 42.22 -9.14 9.87
N TRP A 211 42.92 -8.94 10.99
CA TRP A 211 42.29 -8.41 12.19
C TRP A 211 41.80 -6.98 11.97
N GLY A 212 42.63 -6.15 11.34
CA GLY A 212 42.25 -4.76 11.13
C GLY A 212 40.97 -4.60 10.30
N TYR A 213 40.78 -5.48 9.32
CA TYR A 213 39.56 -5.40 8.51
C TYR A 213 38.32 -5.79 9.34
N LYS A 214 38.42 -6.84 10.17
CA LYS A 214 37.27 -7.16 11.01
C LYS A 214 36.96 -6.01 11.97
N VAL A 215 38.01 -5.32 12.45
CA VAL A 215 37.80 -4.16 13.32
C VAL A 215 37.10 -3.04 12.55
N ALA A 216 37.53 -2.78 11.32
CA ALA A 216 36.97 -1.67 10.53
C ALA A 216 35.50 -1.90 10.20
N LEU A 217 35.13 -3.13 9.81
CA LEU A 217 33.73 -3.42 9.55
C LEU A 217 32.89 -3.23 10.81
N ARG A 218 33.40 -3.65 11.97
CA ARG A 218 32.70 -3.43 13.24
C ARG A 218 32.50 -1.94 13.52
N ASP A 219 33.55 -1.13 13.35
CA ASP A 219 33.45 0.29 13.69
C ASP A 219 32.63 1.09 12.68
N ASN A 220 32.26 0.50 11.55
CA ASN A 220 31.38 1.13 10.58
C ASN A 220 29.96 0.56 10.59
N GLN A 221 29.66 -0.37 11.52
CA GLN A 221 28.34 -0.99 11.63
C GLN A 221 28.00 -1.83 10.39
N VAL A 222 29.01 -2.41 9.75
CA VAL A 222 28.82 -3.38 8.68
C VAL A 222 28.74 -4.78 9.29
N THR A 223 27.74 -5.55 8.87
CA THR A 223 27.61 -6.94 9.30
C THR A 223 28.56 -7.82 8.49
N TYR A 224 29.48 -8.49 9.16
CA TYR A 224 30.39 -9.42 8.48
C TYR A 224 29.92 -10.85 8.71
N LEU A 225 29.62 -11.57 7.62
CA LEU A 225 29.25 -12.98 7.69
C LEU A 225 30.32 -13.81 6.96
N ASN A 226 31.05 -14.63 7.71
CA ASN A 226 31.95 -15.62 7.11
C ASN A 226 31.08 -16.75 6.55
N ALA A 227 30.49 -16.50 5.37
CA ALA A 227 29.63 -17.47 4.70
C ALA A 227 29.78 -17.36 3.19
N LYS A 228 29.43 -18.44 2.50
CA LYS A 228 29.42 -18.47 1.04
C LYS A 228 28.08 -17.98 0.51
N GLY A 229 28.10 -16.98 -0.37
CA GLY A 229 26.89 -16.37 -0.88
C GLY A 229 26.51 -16.90 -2.25
N ARG A 230 25.20 -16.94 -2.53
CA ARG A 230 24.71 -17.35 -3.85
C ARG A 230 23.47 -16.53 -4.20
N LEU A 231 23.53 -15.78 -5.30
CA LEU A 231 22.42 -14.93 -5.73
C LEU A 231 21.40 -15.78 -6.47
N ILE A 232 20.23 -16.00 -5.87
CA ILE A 232 19.22 -16.89 -6.44
C ILE A 232 18.07 -16.15 -7.13
N SER A 233 17.79 -14.91 -6.73
CA SER A 233 16.89 -14.01 -7.45
C SER A 233 17.49 -12.61 -7.37
N PRO A 234 16.95 -11.60 -8.06
CA PRO A 234 17.57 -10.26 -8.01
C PRO A 234 17.76 -9.69 -6.61
N HIS A 235 16.99 -10.14 -5.62
CA HIS A 235 17.08 -9.57 -4.29
C HIS A 235 17.40 -10.59 -3.19
N GLU A 236 17.55 -11.87 -3.53
CA GLU A 236 17.71 -12.92 -2.54
C GLU A 236 19.09 -13.54 -2.64
N VAL A 237 19.81 -13.59 -1.52
CA VAL A 237 21.13 -14.18 -1.44
C VAL A 237 21.07 -15.36 -0.48
N GLN A 238 21.35 -16.54 -0.98
CA GLN A 238 21.38 -17.75 -0.17
C GLN A 238 22.78 -17.92 0.40
N ILE A 239 22.86 -18.15 1.72
CA ILE A 239 24.13 -18.24 2.44
C ILE A 239 24.27 -19.62 3.07
N THR A 240 25.47 -20.19 3.00
CA THR A 240 25.82 -21.40 3.72
C THR A 240 26.99 -21.07 4.64
N ASP A 241 26.85 -21.40 5.94
CA ASP A 241 27.79 -20.96 6.96
C ASP A 241 28.77 -22.07 7.34
N LYS A 242 29.61 -21.75 8.34
CA LYS A 242 30.66 -22.65 8.82
C LYS A 242 30.14 -24.02 9.26
N ASN A 243 28.84 -24.16 9.50
CA ASN A 243 28.26 -25.44 9.92
C ASN A 243 27.38 -26.06 8.84
N GLN A 244 27.48 -25.56 7.61
CA GLN A 244 26.63 -25.99 6.50
C GLN A 244 25.15 -25.69 6.73
N LYS A 245 24.83 -24.81 7.68
CA LYS A 245 23.46 -24.33 7.81
C LYS A 245 23.14 -23.34 6.69
N VAL A 246 21.93 -23.44 6.12
CA VAL A 246 21.56 -22.65 4.96
C VAL A 246 20.39 -21.73 5.30
N SER A 247 20.45 -20.49 4.80
CA SER A 247 19.41 -19.49 5.02
C SER A 247 19.43 -18.49 3.87
N THR A 248 18.43 -17.62 3.84
CA THR A 248 18.27 -16.63 2.78
C THR A 248 18.16 -15.24 3.39
N ILE A 249 18.91 -14.29 2.84
CA ILE A 249 18.76 -12.89 3.22
C ILE A 249 18.49 -12.08 1.97
N THR A 250 17.82 -10.95 2.15
CA THR A 250 17.44 -10.07 1.06
C THR A 250 18.19 -8.75 1.15
N GLY A 251 18.38 -8.10 0.00
CA GLY A 251 18.98 -6.78 -0.02
C GLY A 251 18.48 -5.99 -1.21
N ASN A 252 18.44 -4.67 -1.04
CA ASN A 252 18.03 -3.80 -2.14
C ASN A 252 19.01 -3.85 -3.30
N LYS A 253 20.26 -3.44 -3.06
CA LYS A 253 21.32 -3.48 -4.07
C LYS A 253 22.28 -4.61 -3.78
N ILE A 254 22.79 -5.23 -4.83
CA ILE A 254 23.76 -6.32 -4.75
C ILE A 254 25.02 -5.90 -5.49
N ILE A 255 26.19 -6.14 -4.88
CA ILE A 255 27.48 -5.94 -5.53
C ILE A 255 28.22 -7.27 -5.53
N LEU A 256 28.45 -7.80 -6.73
CA LEU A 256 29.27 -9.00 -6.90
C LEU A 256 30.75 -8.62 -6.97
N ALA A 257 31.56 -9.23 -6.11
CA ALA A 257 32.99 -8.92 -5.98
C ALA A 257 33.73 -10.16 -5.45
N THR A 258 33.65 -11.26 -6.21
CA THR A 258 34.16 -12.56 -5.77
C THR A 258 35.55 -12.90 -6.30
N GLY A 259 36.14 -12.11 -7.19
CA GLY A 259 37.49 -12.41 -7.62
C GLY A 259 37.64 -13.69 -8.45
N GLU A 260 38.88 -14.17 -8.48
CA GLU A 260 39.30 -15.31 -9.28
C GLU A 260 40.18 -16.22 -8.44
N ARG A 261 40.51 -17.38 -9.00
CA ARG A 261 41.42 -18.32 -8.39
C ARG A 261 42.30 -18.92 -9.49
N PRO A 262 43.48 -19.43 -9.13
CA PRO A 262 44.41 -19.96 -10.15
C PRO A 262 43.89 -21.17 -10.90
N LYS A 263 44.22 -21.24 -12.21
CA LYS A 263 43.94 -22.41 -13.03
C LYS A 263 45.04 -23.47 -12.91
N TYR A 264 44.66 -24.74 -13.14
CA TYR A 264 45.58 -25.87 -13.31
C TYR A 264 45.46 -26.45 -14.72
N PRO A 265 46.57 -26.79 -15.35
CA PRO A 265 46.48 -27.47 -16.65
C PRO A 265 45.96 -28.89 -16.48
N GLU A 266 45.29 -29.36 -17.54
CA GLU A 266 44.61 -30.66 -17.52
C GLU A 266 45.58 -31.79 -17.85
N ILE A 267 46.48 -32.08 -16.91
CA ILE A 267 47.46 -33.13 -17.11
C ILE A 267 47.57 -33.97 -15.85
N PRO A 268 47.94 -35.24 -16.00
CA PRO A 268 48.02 -36.13 -14.82
C PRO A 268 49.05 -35.64 -13.81
N GLY A 269 48.67 -35.66 -12.54
CA GLY A 269 49.57 -35.29 -11.46
C GLY A 269 49.53 -33.83 -11.04
N ALA A 270 48.88 -32.95 -11.81
CA ALA A 270 48.97 -31.52 -11.55
C ALA A 270 48.33 -31.15 -10.21
N VAL A 271 47.04 -31.48 -10.06
CA VAL A 271 46.31 -31.15 -8.84
C VAL A 271 46.83 -31.94 -7.66
N GLU A 272 47.26 -33.18 -7.88
CA GLU A 272 47.70 -34.03 -6.78
C GLU A 272 49.05 -33.59 -6.24
N TYR A 273 50.01 -33.27 -7.11
CA TYR A 273 51.40 -33.16 -6.68
C TYR A 273 52.02 -31.77 -6.80
N GLY A 274 51.39 -30.83 -7.51
CA GLY A 274 51.88 -29.48 -7.60
C GLY A 274 51.11 -28.51 -6.70
N ILE A 275 51.57 -27.24 -6.71
CA ILE A 275 50.93 -26.18 -5.94
C ILE A 275 50.67 -24.98 -6.85
N THR A 276 50.03 -23.96 -6.28
CA THR A 276 49.94 -22.66 -6.93
C THR A 276 50.39 -21.55 -5.99
N SER A 277 50.20 -20.30 -6.41
CA SER A 277 50.61 -19.19 -5.58
C SER A 277 49.73 -19.07 -4.34
N ASP A 278 48.50 -19.58 -4.40
CA ASP A 278 47.66 -19.66 -3.20
C ASP A 278 48.36 -20.39 -2.07
N ASP A 279 49.20 -21.39 -2.37
CA ASP A 279 49.86 -22.17 -1.33
C ASP A 279 51.26 -21.65 -0.98
N LEU A 280 51.90 -20.91 -1.88
CA LEU A 280 53.32 -20.63 -1.74
C LEU A 280 53.60 -19.67 -0.59
N PHE A 281 52.73 -18.69 -0.40
CA PHE A 281 53.05 -17.63 0.56
C PHE A 281 52.92 -18.06 2.01
N SER A 282 52.42 -19.28 2.30
CA SER A 282 52.44 -19.78 3.66
C SER A 282 53.04 -21.18 3.75
N LEU A 283 53.81 -21.59 2.74
CA LEU A 283 54.39 -22.93 2.72
C LEU A 283 55.30 -23.15 3.93
N PRO A 284 55.11 -24.23 4.69
CA PRO A 284 55.90 -24.41 5.92
C PRO A 284 57.37 -24.77 5.68
N TYR A 285 57.75 -25.32 4.52
CA TYR A 285 59.13 -25.67 4.19
C TYR A 285 59.59 -24.88 2.97
N PHE A 286 60.90 -24.71 2.83
CA PHE A 286 61.43 -24.10 1.62
C PHE A 286 61.12 -25.00 0.41
N PRO A 287 60.74 -24.43 -0.73
CA PRO A 287 60.41 -25.28 -1.90
C PRO A 287 61.58 -26.08 -2.45
N GLY A 288 62.83 -25.66 -2.22
CA GLY A 288 63.98 -26.34 -2.82
C GLY A 288 64.02 -26.16 -4.33
N LYS A 289 64.62 -27.13 -5.00
CA LYS A 289 64.70 -27.08 -6.46
C LYS A 289 63.28 -27.02 -7.04
N THR A 290 62.98 -25.91 -7.75
CA THR A 290 61.62 -25.58 -8.14
C THR A 290 61.50 -25.41 -9.65
N LEU A 291 60.40 -25.92 -10.20
CA LEU A 291 59.96 -25.63 -11.56
C LEU A 291 58.73 -24.75 -11.48
N VAL A 292 58.76 -23.61 -12.17
CA VAL A 292 57.60 -22.75 -12.35
C VAL A 292 57.11 -22.94 -13.78
N ILE A 293 55.83 -23.23 -13.94
CA ILE A 293 55.24 -23.46 -15.25
C ILE A 293 54.37 -22.26 -15.56
N GLY A 294 54.75 -21.50 -16.58
CA GLY A 294 53.99 -20.31 -16.94
C GLY A 294 54.93 -19.16 -17.27
N ALA A 295 54.38 -18.03 -17.73
CA ALA A 295 55.22 -16.89 -18.07
C ALA A 295 54.54 -15.55 -17.79
N SER A 296 53.50 -15.52 -16.96
CA SER A 296 52.83 -14.33 -16.51
C SER A 296 53.70 -13.56 -15.51
N TYR A 297 53.22 -12.39 -15.06
CA TYR A 297 54.00 -11.67 -14.06
C TYR A 297 54.05 -12.45 -12.75
N VAL A 298 52.96 -13.15 -12.40
CA VAL A 298 52.99 -14.01 -11.22
C VAL A 298 54.13 -15.02 -11.31
N ALA A 299 54.27 -15.66 -12.48
CA ALA A 299 55.29 -16.68 -12.66
C ALA A 299 56.69 -16.09 -12.58
N LEU A 300 56.91 -14.96 -13.27
CA LEU A 300 58.24 -14.36 -13.29
C LEU A 300 58.60 -13.72 -11.95
N GLU A 301 57.62 -13.12 -11.25
CA GLU A 301 57.91 -12.52 -9.95
C GLU A 301 58.27 -13.59 -8.92
N CYS A 302 57.52 -14.71 -8.93
CA CYS A 302 57.80 -15.77 -7.94
C CYS A 302 59.14 -16.45 -8.24
N ALA A 303 59.38 -16.80 -9.50
CA ALA A 303 60.67 -17.39 -9.86
C ALA A 303 61.80 -16.44 -9.50
N GLY A 304 61.57 -15.14 -9.69
CA GLY A 304 62.60 -14.16 -9.44
C GLY A 304 63.05 -14.10 -7.99
N PHE A 305 62.09 -14.06 -7.05
CA PHE A 305 62.57 -13.92 -5.68
C PHE A 305 63.04 -15.26 -5.10
N LEU A 306 62.54 -16.39 -5.61
CA LEU A 306 63.06 -17.68 -5.16
C LEU A 306 64.53 -17.83 -5.52
N ALA A 307 64.91 -17.38 -6.72
CA ALA A 307 66.32 -17.43 -7.13
C ALA A 307 67.18 -16.54 -6.25
N SER A 308 66.69 -15.34 -5.92
CA SER A 308 67.45 -14.44 -5.07
C SER A 308 67.63 -15.02 -3.66
N LEU A 309 66.64 -15.76 -3.15
CA LEU A 309 66.78 -16.38 -1.85
C LEU A 309 67.69 -17.64 -1.87
N GLY A 310 68.37 -17.93 -2.98
CA GLY A 310 69.27 -19.05 -3.08
C GLY A 310 68.72 -20.32 -3.70
N GLY A 311 67.50 -20.28 -4.24
CA GLY A 311 66.95 -21.48 -4.84
C GLY A 311 67.46 -21.74 -6.25
N ASP A 312 67.30 -22.99 -6.65
CA ASP A 312 67.62 -23.51 -7.98
C ASP A 312 66.30 -23.56 -8.73
N VAL A 313 66.07 -22.57 -9.61
CA VAL A 313 64.75 -22.30 -10.20
C VAL A 313 64.81 -22.43 -11.73
N THR A 314 63.78 -23.05 -12.30
CA THR A 314 63.60 -23.14 -13.73
C THR A 314 62.19 -22.67 -14.08
N VAL A 315 62.05 -21.94 -15.20
CA VAL A 315 60.74 -21.49 -15.70
C VAL A 315 60.50 -22.15 -17.05
N MET A 316 59.30 -22.73 -17.24
CA MET A 316 58.93 -23.43 -18.48
C MET A 316 57.94 -22.56 -19.26
N VAL A 317 58.37 -22.08 -20.43
CA VAL A 317 57.66 -21.05 -21.19
C VAL A 317 57.06 -21.68 -22.46
N ARG A 318 55.71 -21.70 -22.54
CA ARG A 318 55.03 -22.20 -23.73
C ARG A 318 55.45 -21.45 -25.00
N SER A 319 55.32 -20.10 -24.99
CA SER A 319 55.73 -19.27 -26.14
C SER A 319 56.52 -18.03 -25.73
N ILE A 320 55.86 -17.00 -25.18
CA ILE A 320 56.55 -15.75 -24.87
C ILE A 320 56.36 -15.34 -23.41
N LEU A 321 57.23 -14.42 -22.96
CA LEU A 321 57.13 -13.82 -21.64
C LEU A 321 56.13 -12.67 -21.65
N LEU A 322 55.30 -12.61 -20.61
CA LEU A 322 54.50 -11.43 -20.34
C LEU A 322 53.65 -11.04 -21.53
N ARG A 323 52.88 -12.01 -22.04
CA ARG A 323 51.97 -11.77 -23.15
C ARG A 323 51.04 -10.61 -22.82
N GLY A 324 50.89 -9.67 -23.77
CA GLY A 324 50.09 -8.49 -23.56
C GLY A 324 50.87 -7.24 -23.16
N PHE A 325 52.09 -7.38 -22.64
CA PHE A 325 52.97 -6.25 -22.36
C PHE A 325 53.94 -6.05 -23.53
N ASP A 326 54.49 -4.84 -23.62
CA ASP A 326 55.52 -4.49 -24.60
C ASP A 326 56.61 -5.56 -24.64
N GLN A 327 56.78 -6.21 -25.81
CA GLN A 327 57.62 -7.41 -25.88
C GLN A 327 59.12 -7.11 -25.82
N GLN A 328 59.55 -5.92 -26.29
CA GLN A 328 60.96 -5.56 -26.08
C GLN A 328 61.27 -5.44 -24.58
N MET A 329 60.36 -4.82 -23.83
CA MET A 329 60.52 -4.74 -22.36
C MET A 329 60.47 -6.13 -21.74
N ALA A 330 59.49 -6.94 -22.14
CA ALA A 330 59.39 -8.32 -21.67
C ALA A 330 60.71 -9.07 -21.81
N GLU A 331 61.32 -8.99 -23.00
CA GLU A 331 62.57 -9.69 -23.26
C GLU A 331 63.70 -9.17 -22.38
N LYS A 332 63.81 -7.85 -22.20
CA LYS A 332 64.85 -7.31 -21.32
C LYS A 332 64.66 -7.81 -19.88
N VAL A 333 63.40 -7.89 -19.42
CA VAL A 333 63.10 -8.44 -18.09
C VAL A 333 63.61 -9.87 -17.97
N GLY A 334 63.38 -10.69 -19.01
CA GLY A 334 63.82 -12.08 -18.96
C GLY A 334 65.32 -12.23 -19.11
N ASP A 335 65.94 -11.42 -19.98
CA ASP A 335 67.39 -11.48 -20.13
C ASP A 335 68.10 -11.20 -18.81
N TYR A 336 67.58 -10.25 -18.02
CA TYR A 336 68.18 -9.96 -16.73
C TYR A 336 68.04 -11.15 -15.77
N MET A 337 66.83 -11.72 -15.66
CA MET A 337 66.71 -12.88 -14.76
C MET A 337 67.61 -14.02 -15.18
N GLU A 338 67.75 -14.27 -16.49
CA GLU A 338 68.59 -15.39 -16.92
C GLU A 338 70.07 -15.15 -16.60
N ASN A 339 70.52 -13.89 -16.64
CA ASN A 339 71.90 -13.59 -16.30
C ASN A 339 72.15 -13.64 -14.82
N HIS A 340 71.12 -13.66 -14.00
CA HIS A 340 71.26 -13.71 -12.54
C HIS A 340 70.64 -14.97 -11.96
N GLY A 341 70.73 -16.11 -12.66
CA GLY A 341 70.50 -17.41 -12.05
C GLY A 341 69.29 -18.19 -12.55
N VAL A 342 68.19 -17.51 -12.91
CA VAL A 342 66.98 -18.23 -13.32
C VAL A 342 67.19 -18.95 -14.65
N LYS A 343 66.97 -20.26 -14.67
CA LYS A 343 67.07 -21.05 -15.90
C LYS A 343 65.74 -21.06 -16.63
N PHE A 344 65.78 -21.02 -17.97
CA PHE A 344 64.57 -21.07 -18.77
C PHE A 344 64.55 -22.30 -19.68
N ALA A 345 63.39 -22.95 -19.76
CA ALA A 345 63.10 -23.98 -20.76
C ALA A 345 62.09 -23.41 -21.76
N LYS A 346 62.59 -22.95 -22.89
CA LYS A 346 61.82 -22.16 -23.84
C LYS A 346 61.06 -23.04 -24.82
N LEU A 347 59.85 -22.59 -25.19
CA LEU A 347 59.00 -23.30 -26.15
C LEU A 347 58.71 -24.72 -25.68
N CYS A 348 58.11 -24.84 -24.49
CA CYS A 348 58.02 -26.10 -23.77
C CYS A 348 56.77 -26.12 -22.91
N VAL A 349 56.07 -27.25 -22.92
CA VAL A 349 54.85 -27.47 -22.13
C VAL A 349 54.95 -28.79 -21.37
N PRO A 350 54.28 -28.91 -20.21
CA PRO A 350 54.31 -30.18 -19.45
C PRO A 350 53.29 -31.20 -19.96
N ASP A 351 53.59 -32.50 -19.78
CA ASP A 351 52.66 -33.58 -20.08
C ASP A 351 52.19 -34.36 -18.85
N GLU A 352 53.06 -34.58 -17.85
CA GLU A 352 52.62 -35.21 -16.62
C GLU A 352 53.61 -34.96 -15.50
N ILE A 353 53.11 -35.00 -14.27
CA ILE A 353 53.90 -34.95 -13.05
C ILE A 353 53.76 -36.29 -12.34
N LYS A 354 54.88 -36.87 -11.96
CA LYS A 354 54.94 -38.17 -11.31
C LYS A 354 55.61 -38.02 -9.94
N GLN A 355 55.03 -38.69 -8.93
CA GLN A 355 55.48 -38.54 -7.55
C GLN A 355 56.52 -39.60 -7.18
N LEU A 356 57.71 -39.14 -6.77
CA LEU A 356 58.76 -40.02 -6.30
C LEU A 356 58.91 -40.04 -4.78
N LYS A 357 58.61 -38.92 -4.12
CA LYS A 357 58.61 -38.80 -2.66
C LYS A 357 57.39 -37.99 -2.22
N VAL A 358 56.71 -38.50 -1.20
CA VAL A 358 55.62 -37.77 -0.55
C VAL A 358 56.20 -36.65 0.30
N VAL A 359 55.43 -35.56 0.44
CA VAL A 359 55.89 -34.44 1.27
C VAL A 359 56.09 -34.92 2.71
N ASP A 360 57.27 -34.61 3.26
CA ASP A 360 57.70 -35.04 4.60
C ASP A 360 57.20 -34.01 5.63
N THR A 361 55.93 -34.18 6.01
CA THR A 361 55.31 -33.26 6.97
C THR A 361 55.96 -33.32 8.35
N GLU A 362 56.58 -34.42 8.73
CA GLU A 362 57.23 -34.50 10.03
C GLU A 362 58.51 -33.67 10.02
N ASN A 363 59.53 -34.11 9.26
CA ASN A 363 60.81 -33.39 9.19
C ASN A 363 60.72 -32.05 8.44
N ASN A 364 59.55 -31.66 7.93
CA ASN A 364 59.35 -30.32 7.34
C ASN A 364 60.19 -30.14 6.07
N LYS A 365 59.99 -31.03 5.11
CA LYS A 365 60.74 -31.04 3.87
C LYS A 365 59.77 -31.25 2.71
N PRO A 366 60.07 -30.73 1.54
CA PRO A 366 59.25 -31.03 0.35
C PRO A 366 59.44 -32.48 -0.11
N GLY A 367 58.55 -32.90 -1.01
CA GLY A 367 58.67 -34.19 -1.67
C GLY A 367 59.70 -34.21 -2.77
N LEU A 368 59.45 -35.07 -3.79
CA LEU A 368 60.28 -35.16 -4.99
C LEU A 368 59.40 -35.60 -6.15
N LEU A 369 59.52 -34.91 -7.29
CA LEU A 369 58.65 -35.15 -8.44
C LEU A 369 59.45 -35.33 -9.71
N LEU A 370 58.88 -36.09 -10.65
CA LEU A 370 59.42 -36.19 -12.00
C LEU A 370 58.47 -35.52 -12.98
N VAL A 371 58.99 -34.58 -13.78
CA VAL A 371 58.22 -33.81 -14.76
C VAL A 371 58.63 -34.25 -16.16
N LYS A 372 57.64 -34.58 -16.99
CA LYS A 372 57.86 -34.94 -18.38
C LYS A 372 57.08 -33.98 -19.27
N GLY A 373 57.72 -33.49 -20.32
CA GLY A 373 57.05 -32.65 -21.30
C GLY A 373 57.73 -32.71 -22.65
N HIS A 374 57.47 -31.69 -23.47
CA HIS A 374 58.09 -31.67 -24.80
C HIS A 374 58.18 -30.24 -25.33
N TYR A 375 59.23 -30.00 -26.10
CA TYR A 375 59.46 -28.77 -26.84
C TYR A 375 58.63 -28.73 -28.13
N THR A 376 58.50 -27.53 -28.71
CA THR A 376 57.61 -27.42 -29.87
C THR A 376 58.13 -28.17 -31.09
N ASP A 377 59.42 -28.51 -31.15
CA ASP A 377 59.93 -29.31 -32.26
C ASP A 377 59.86 -30.80 -31.99
N GLY A 378 59.19 -31.22 -30.93
CA GLY A 378 59.00 -32.62 -30.62
C GLY A 378 59.99 -33.21 -29.63
N LYS A 379 61.17 -32.59 -29.45
CA LYS A 379 62.15 -33.14 -28.52
C LYS A 379 61.56 -33.23 -27.12
N LYS A 380 62.10 -34.14 -26.29
CA LYS A 380 61.48 -34.49 -25.02
C LYS A 380 62.11 -33.74 -23.85
N PHE A 381 61.31 -33.51 -22.82
CA PHE A 381 61.75 -32.87 -21.58
C PHE A 381 61.47 -33.82 -20.43
N GLU A 382 62.52 -34.13 -19.65
CA GLU A 382 62.37 -34.96 -18.44
C GLU A 382 63.35 -34.50 -17.37
N GLU A 383 62.84 -34.16 -16.17
CA GLU A 383 63.68 -33.64 -15.08
C GLU A 383 62.99 -33.80 -13.72
N GLU A 384 63.81 -33.92 -12.67
CA GLU A 384 63.35 -33.98 -11.28
C GLU A 384 63.35 -32.60 -10.61
N PHE A 385 62.29 -32.31 -9.84
CA PHE A 385 62.22 -31.12 -8.98
C PHE A 385 61.56 -31.46 -7.65
N GLU A 386 61.85 -30.64 -6.63
CA GLU A 386 61.20 -30.84 -5.34
C GLU A 386 59.83 -30.17 -5.26
N THR A 387 59.60 -29.09 -6.01
CA THR A 387 58.33 -28.36 -6.01
C THR A 387 57.95 -27.96 -7.43
N VAL A 388 56.68 -28.08 -7.77
CA VAL A 388 56.20 -27.65 -9.07
C VAL A 388 55.11 -26.62 -8.85
N ILE A 389 55.34 -25.39 -9.33
CA ILE A 389 54.41 -24.30 -9.16
C ILE A 389 53.76 -23.98 -10.50
N PHE A 390 52.43 -24.01 -10.54
CA PHE A 390 51.68 -23.66 -11.74
C PHE A 390 51.28 -22.19 -11.70
N ALA A 391 51.66 -21.43 -12.74
CA ALA A 391 51.20 -20.06 -12.92
C ALA A 391 50.65 -19.90 -14.34
N VAL A 392 49.51 -20.52 -14.60
CA VAL A 392 49.01 -20.57 -15.98
C VAL A 392 47.68 -19.84 -16.11
N GLY A 393 47.51 -18.77 -15.35
CA GLY A 393 46.36 -17.90 -15.45
C GLY A 393 45.38 -18.13 -14.32
N ARG A 394 44.33 -17.30 -14.34
CA ARG A 394 43.35 -17.23 -13.26
C ARG A 394 41.96 -17.10 -13.88
N GLU A 395 40.93 -17.50 -13.11
CA GLU A 395 39.58 -17.51 -13.65
C GLU A 395 38.55 -17.38 -12.54
N PRO A 396 37.40 -16.81 -12.82
CA PRO A 396 36.27 -16.85 -11.88
C PRO A 396 35.47 -18.14 -12.09
N GLN A 397 34.58 -18.39 -11.15
CA GLN A 397 33.70 -19.52 -11.31
C GLN A 397 32.33 -19.03 -10.84
N LEU A 398 31.71 -18.17 -11.67
CA LEU A 398 30.49 -17.50 -11.25
C LEU A 398 29.30 -18.45 -11.17
N SER A 399 29.37 -19.61 -11.84
CA SER A 399 28.43 -20.71 -11.63
C SER A 399 28.65 -21.39 -10.28
N LYS A 400 28.54 -20.62 -9.20
CA LYS A 400 28.94 -21.02 -7.85
C LYS A 400 28.64 -19.81 -6.99
N VAL A 401 28.38 -18.71 -7.68
CA VAL A 401 27.97 -17.46 -7.07
C VAL A 401 26.60 -17.01 -7.56
N LEU A 402 26.13 -17.51 -8.69
CA LEU A 402 25.15 -16.80 -9.49
C LEU A 402 24.30 -17.84 -10.22
N CYS A 403 23.04 -17.97 -9.84
CA CYS A 403 22.15 -18.88 -10.56
C CYS A 403 21.84 -18.34 -11.95
N GLU A 404 21.89 -19.22 -12.95
CA GLU A 404 21.72 -18.81 -14.34
C GLU A 404 20.37 -18.14 -14.58
N THR A 405 19.36 -18.46 -13.77
CA THR A 405 18.02 -17.91 -13.92
C THR A 405 17.89 -16.47 -13.46
N VAL A 406 18.86 -15.93 -12.73
CA VAL A 406 18.71 -14.55 -12.28
C VAL A 406 18.75 -13.59 -13.46
N GLY A 407 19.54 -13.89 -14.48
CA GLY A 407 19.60 -13.05 -15.66
C GLY A 407 20.84 -12.21 -15.82
N VAL A 408 21.91 -12.49 -15.07
CA VAL A 408 23.14 -11.71 -15.20
C VAL A 408 23.91 -12.24 -16.40
N LYS A 409 24.03 -11.42 -17.43
CA LYS A 409 24.74 -11.82 -18.65
C LYS A 409 26.24 -11.96 -18.37
N LEU A 410 26.84 -13.04 -18.90
CA LEU A 410 28.29 -13.25 -18.84
C LEU A 410 28.89 -13.28 -20.24
N ASP A 411 30.18 -12.90 -20.34
CA ASP A 411 30.89 -12.95 -21.62
C ASP A 411 31.48 -14.35 -21.86
N LYS A 412 32.28 -14.49 -22.93
CA LYS A 412 32.85 -15.79 -23.34
C LYS A 412 33.72 -16.41 -22.25
N ASN A 413 34.45 -15.58 -21.49
CA ASN A 413 35.37 -16.02 -20.46
C ASN A 413 34.71 -16.23 -19.10
N GLY A 414 33.41 -15.98 -18.96
CA GLY A 414 32.77 -16.14 -17.66
C GLY A 414 32.80 -14.91 -16.78
N ARG A 415 33.08 -13.74 -17.34
CA ARG A 415 33.10 -12.49 -16.60
C ARG A 415 31.83 -11.69 -16.90
N VAL A 416 31.44 -10.84 -15.96
CA VAL A 416 30.15 -10.15 -16.00
C VAL A 416 30.23 -8.96 -16.96
N VAL A 417 29.31 -8.89 -17.92
CA VAL A 417 29.27 -7.76 -18.85
C VAL A 417 28.54 -6.59 -18.19
N CYS A 418 29.22 -5.45 -18.09
CA CYS A 418 28.72 -4.31 -17.32
C CYS A 418 28.71 -3.05 -18.15
N THR A 419 27.79 -2.16 -17.81
CA THR A 419 27.82 -0.79 -18.32
C THR A 419 28.97 -0.01 -17.68
N ASP A 420 29.21 1.21 -18.16
CA ASP A 420 30.31 1.99 -17.62
C ASP A 420 30.02 2.57 -16.24
N ASP A 421 28.91 2.17 -15.63
CA ASP A 421 28.66 2.50 -14.23
C ASP A 421 28.58 1.23 -13.39
N GLU A 422 29.16 0.13 -13.87
CA GLU A 422 29.24 -1.16 -13.20
C GLU A 422 27.91 -1.92 -13.15
N GLN A 423 26.87 -1.43 -13.82
CA GLN A 423 25.57 -2.11 -13.77
C GLN A 423 25.57 -3.34 -14.67
N THR A 424 25.05 -4.46 -14.15
CA THR A 424 24.83 -5.67 -14.94
C THR A 424 23.51 -5.60 -15.67
N THR A 425 23.16 -6.68 -16.38
CA THR A 425 21.88 -6.73 -17.10
C THR A 425 20.67 -6.74 -16.16
N VAL A 426 20.85 -6.87 -14.85
CA VAL A 426 19.77 -6.81 -13.87
C VAL A 426 19.95 -5.52 -13.07
N SER A 427 18.92 -4.67 -13.06
CA SER A 427 19.10 -3.25 -12.75
C SER A 427 19.58 -2.95 -11.33
N ASN A 428 19.37 -3.84 -10.35
CA ASN A 428 19.83 -3.60 -9.00
C ASN A 428 21.12 -4.34 -8.66
N VAL A 429 21.76 -4.97 -9.65
CA VAL A 429 22.92 -5.82 -9.40
C VAL A 429 24.12 -5.23 -10.14
N TYR A 430 25.23 -5.08 -9.43
CA TYR A 430 26.43 -4.48 -10.00
C TYR A 430 27.59 -5.45 -9.81
N ALA A 431 28.66 -5.21 -10.56
CA ALA A 431 29.86 -6.04 -10.49
C ALA A 431 31.10 -5.16 -10.50
N ILE A 432 32.11 -5.53 -9.68
CA ILE A 432 33.37 -4.78 -9.59
C ILE A 432 34.57 -5.71 -9.44
N GLY A 433 35.76 -5.14 -9.66
CA GLY A 433 36.98 -5.91 -9.50
C GLY A 433 37.25 -6.86 -10.66
N ASP A 434 37.93 -7.97 -10.33
CA ASP A 434 38.45 -8.86 -11.37
C ASP A 434 37.34 -9.46 -12.26
N ILE A 435 36.14 -9.70 -11.70
CA ILE A 435 35.08 -10.28 -12.53
C ILE A 435 34.39 -9.29 -13.45
N ASN A 436 34.66 -8.00 -13.33
CA ASN A 436 34.12 -7.04 -14.30
C ASN A 436 34.86 -7.20 -15.64
N ALA A 437 34.16 -7.69 -16.66
CA ALA A 437 34.80 -8.06 -17.92
C ALA A 437 35.45 -6.87 -18.62
N GLY A 438 36.65 -7.09 -19.17
CA GLY A 438 37.35 -6.09 -19.94
C GLY A 438 38.15 -5.05 -19.15
N LYS A 439 38.01 -4.98 -17.79
CA LYS A 439 38.70 -4.02 -16.92
C LYS A 439 40.07 -4.54 -16.52
N PRO A 440 41.05 -3.65 -16.36
CA PRO A 440 42.32 -4.05 -15.76
C PRO A 440 42.08 -4.70 -14.40
N GLN A 441 42.75 -5.83 -14.18
CA GLN A 441 42.54 -6.64 -12.98
C GLN A 441 43.63 -6.28 -11.97
N LEU A 442 43.34 -5.27 -11.14
CA LEU A 442 44.35 -4.67 -10.28
C LEU A 442 43.68 -4.17 -9.02
N THR A 443 44.40 -4.23 -7.90
CA THR A 443 43.79 -3.85 -6.62
C THR A 443 43.38 -2.38 -6.55
N PRO A 444 44.19 -1.40 -6.95
CA PRO A 444 43.72 -0.01 -6.87
C PRO A 444 42.54 0.28 -7.77
N VAL A 445 42.36 -0.46 -8.86
CA VAL A 445 41.19 -0.29 -9.71
C VAL A 445 39.93 -0.79 -8.99
N ALA A 446 40.01 -1.97 -8.36
CA ALA A 446 38.86 -2.52 -7.66
C ALA A 446 38.43 -1.60 -6.51
N ILE A 447 39.38 -1.04 -5.76
CA ILE A 447 39.05 -0.13 -4.67
C ILE A 447 38.37 1.13 -5.21
N GLN A 448 38.97 1.77 -6.22
CA GLN A 448 38.35 2.97 -6.77
C GLN A 448 36.94 2.66 -7.30
N ALA A 449 36.77 1.55 -8.01
CA ALA A 449 35.45 1.23 -8.56
C ALA A 449 34.43 1.04 -7.44
N GLY A 450 34.84 0.35 -6.37
CA GLY A 450 33.91 0.11 -5.27
C GLY A 450 33.50 1.38 -4.56
N ARG A 451 34.47 2.25 -4.25
CA ARG A 451 34.15 3.48 -3.50
C ARG A 451 33.25 4.40 -4.32
N TYR A 452 33.60 4.64 -5.58
CA TYR A 452 32.80 5.53 -6.44
C TYR A 452 31.39 4.98 -6.66
N LEU A 453 31.25 3.65 -6.82
CA LEU A 453 29.91 3.09 -6.96
C LEU A 453 29.08 3.33 -5.69
N ALA A 454 29.68 3.08 -4.51
CA ALA A 454 28.98 3.33 -3.26
C ALA A 454 28.48 4.76 -3.15
N ARG A 455 29.24 5.72 -3.68
CA ARG A 455 28.79 7.11 -3.59
C ARG A 455 27.66 7.41 -4.56
N ARG A 456 27.67 6.78 -5.73
CA ARG A 456 26.55 6.97 -6.66
C ARG A 456 25.27 6.32 -6.13
N LEU A 457 25.36 5.14 -5.52
CA LEU A 457 24.17 4.45 -5.03
C LEU A 457 23.53 5.17 -3.86
N PHE A 458 24.33 5.68 -2.91
CA PHE A 458 23.80 6.11 -1.62
C PHE A 458 24.06 7.57 -1.26
N ALA A 459 24.77 8.33 -2.09
CA ALA A 459 25.03 9.74 -1.81
C ALA A 459 24.77 10.64 -3.00
N GLY A 460 24.11 10.14 -4.05
CA GLY A 460 23.79 10.97 -5.18
C GLY A 460 24.96 11.48 -5.98
N ALA A 461 26.14 10.87 -5.84
CA ALA A 461 27.28 11.27 -6.65
C ALA A 461 27.05 10.88 -8.09
N THR A 462 27.87 11.43 -8.98
CA THR A 462 27.79 11.06 -10.39
C THR A 462 29.11 10.56 -10.98
N GLU A 463 30.22 10.73 -10.27
CA GLU A 463 31.52 10.47 -10.86
C GLU A 463 31.70 8.98 -11.18
N LEU A 464 32.18 8.71 -12.38
CA LEU A 464 32.49 7.36 -12.82
C LEU A 464 33.97 7.04 -12.59
N THR A 465 34.29 5.74 -12.58
CA THR A 465 35.68 5.29 -12.56
C THR A 465 36.28 5.37 -13.97
N ASP A 466 37.52 5.88 -14.08
CA ASP A 466 38.21 6.01 -15.38
C ASP A 466 39.23 4.88 -15.51
N TYR A 467 39.01 3.97 -16.45
CA TYR A 467 39.83 2.76 -16.57
C TYR A 467 40.94 2.90 -17.62
N SER A 468 41.13 4.08 -18.22
CA SER A 468 42.11 4.21 -19.28
C SER A 468 43.46 4.60 -18.70
N ASN A 469 44.52 4.02 -19.28
CA ASN A 469 45.90 4.41 -18.98
C ASN A 469 46.24 4.18 -17.50
N VAL A 470 45.74 3.08 -16.92
CA VAL A 470 46.14 2.72 -15.56
C VAL A 470 47.58 2.21 -15.59
N ALA A 471 48.42 2.77 -14.73
CA ALA A 471 49.82 2.35 -14.69
C ALA A 471 49.96 1.01 -13.95
N THR A 472 51.05 0.30 -14.27
CA THR A 472 51.36 -1.03 -13.73
C THR A 472 52.84 -1.12 -13.37
N THR A 473 53.18 -2.09 -12.51
CA THR A 473 54.59 -2.40 -12.26
C THR A 473 54.72 -3.89 -12.03
N VAL A 474 55.67 -4.52 -12.74
CA VAL A 474 56.00 -5.93 -12.60
C VAL A 474 57.24 -6.03 -11.72
N PHE A 475 57.11 -6.70 -10.56
CA PHE A 475 58.14 -6.65 -9.53
C PHE A 475 59.16 -7.79 -9.65
N THR A 476 59.72 -7.92 -10.85
CA THR A 476 60.81 -8.87 -11.11
C THR A 476 62.12 -8.38 -10.47
N PRO A 477 63.18 -9.21 -10.46
CA PRO A 477 64.42 -8.77 -9.79
C PRO A 477 64.86 -7.38 -10.21
N LEU A 478 64.80 -7.07 -11.49
CA LEU A 478 64.82 -5.69 -11.98
C LEU A 478 63.38 -5.31 -12.36
N GLU A 479 62.84 -4.28 -11.72
CA GLU A 479 61.42 -3.99 -11.89
C GLU A 479 61.11 -3.34 -13.23
N TYR A 480 59.85 -3.45 -13.65
CA TYR A 480 59.41 -2.92 -14.93
C TYR A 480 58.08 -2.19 -14.73
N GLY A 481 58.09 -0.85 -14.84
CA GLY A 481 56.89 -0.04 -14.69
C GLY A 481 56.45 0.49 -16.04
N ALA A 482 55.13 0.63 -16.25
CA ALA A 482 54.61 1.12 -17.52
C ALA A 482 53.30 1.89 -17.35
N CYS A 483 53.03 2.83 -18.28
CA CYS A 483 51.72 3.51 -18.33
C CYS A 483 51.37 3.83 -19.77
N GLY A 484 50.26 3.28 -20.26
CA GLY A 484 49.81 3.50 -21.62
C GLY A 484 50.10 2.37 -22.59
N LEU A 485 50.21 2.69 -23.88
CA LEU A 485 50.34 1.67 -24.92
C LEU A 485 51.75 1.10 -25.01
N SER A 486 51.84 -0.18 -25.39
CA SER A 486 53.09 -0.74 -25.84
C SER A 486 53.51 -0.14 -27.19
N GLU A 487 54.79 -0.31 -27.53
CA GLU A 487 55.26 0.21 -28.81
C GLU A 487 54.55 -0.46 -29.99
N GLU A 488 54.37 -1.78 -29.93
CA GLU A 488 53.73 -2.47 -31.05
C GLU A 488 52.24 -2.13 -31.15
N ASP A 489 51.57 -1.88 -30.02
CA ASP A 489 50.17 -1.46 -30.07
C ASP A 489 50.02 -0.06 -30.65
N ALA A 490 50.96 0.83 -30.34
CA ALA A 490 50.87 2.18 -30.88
C ALA A 490 51.08 2.17 -32.39
N ILE A 491 52.01 1.34 -32.87
CA ILE A 491 52.28 1.26 -34.29
C ILE A 491 51.11 0.61 -35.02
N GLU A 492 50.50 -0.41 -34.42
CA GLU A 492 49.38 -1.07 -35.05
C GLU A 492 48.19 -0.13 -35.22
N LYS A 493 48.01 0.81 -34.29
CA LYS A 493 46.83 1.67 -34.25
C LYS A 493 46.96 2.93 -35.09
N TYR A 494 48.17 3.46 -35.24
CA TYR A 494 48.40 4.71 -35.93
C TYR A 494 49.32 4.60 -37.12
N GLY A 495 50.06 3.50 -37.25
CA GLY A 495 51.00 3.34 -38.32
C GLY A 495 52.40 3.78 -37.96
N ASP A 496 53.37 3.05 -38.48
CA ASP A 496 54.76 3.31 -38.13
C ASP A 496 55.19 4.76 -38.44
N LYS A 497 54.62 5.37 -39.47
CA LYS A 497 55.14 6.68 -39.86
C LYS A 497 54.71 7.81 -38.92
N ASP A 498 53.67 7.58 -38.10
CA ASP A 498 53.17 8.56 -37.15
C ASP A 498 53.71 8.35 -35.73
N ILE A 499 54.53 7.33 -35.51
CA ILE A 499 55.02 6.99 -34.17
C ILE A 499 56.49 7.36 -34.07
N GLU A 500 56.85 8.11 -33.03
CA GLU A 500 58.25 8.36 -32.70
C GLU A 500 58.55 7.82 -31.31
N VAL A 501 59.71 7.18 -31.16
CA VAL A 501 60.12 6.56 -29.91
C VAL A 501 61.46 7.15 -29.49
N TYR A 502 61.48 7.85 -28.36
CA TYR A 502 62.71 8.31 -27.74
C TYR A 502 63.11 7.34 -26.64
N HIS A 503 64.40 7.00 -26.58
CA HIS A 503 64.83 5.99 -25.63
C HIS A 503 66.27 6.27 -25.20
N SER A 504 66.67 5.65 -24.09
CA SER A 504 68.01 5.75 -23.53
C SER A 504 68.25 4.60 -22.55
N ASN A 505 69.49 4.13 -22.49
CA ASN A 505 69.93 3.32 -21.37
C ASN A 505 70.27 4.24 -20.18
N PHE A 506 70.40 3.64 -18.99
CA PHE A 506 70.96 4.41 -17.88
C PHE A 506 71.52 3.48 -16.81
N LYS A 507 72.28 4.09 -15.90
CA LYS A 507 72.93 3.38 -14.80
C LYS A 507 72.64 4.11 -13.49
N PRO A 508 72.01 3.46 -12.51
CA PRO A 508 71.80 4.11 -11.22
C PRO A 508 73.13 4.48 -10.57
N LEU A 509 73.17 5.66 -9.93
CA LEU A 509 74.41 6.05 -9.26
C LEU A 509 74.79 5.04 -8.17
N GLU A 510 73.80 4.48 -7.47
CA GLU A 510 74.08 3.44 -6.46
C GLU A 510 74.81 2.21 -7.04
N TRP A 511 74.80 2.03 -8.37
CA TRP A 511 75.41 0.85 -8.97
C TRP A 511 76.87 1.07 -9.34
N THR A 512 77.32 2.32 -9.38
CA THR A 512 78.69 2.61 -9.78
C THR A 512 79.68 1.97 -8.83
N VAL A 513 79.68 2.43 -7.57
CA VAL A 513 80.67 1.93 -6.61
C VAL A 513 80.53 0.41 -6.43
N ALA A 514 79.32 -0.14 -6.60
CA ALA A 514 79.10 -1.56 -6.40
C ALA A 514 79.38 -2.42 -7.64
N HIS A 515 79.90 -1.83 -8.72
CA HIS A 515 80.37 -2.56 -9.90
C HIS A 515 79.27 -3.37 -10.60
N ARG A 516 78.09 -2.74 -10.81
CA ARG A 516 76.99 -3.40 -11.50
C ARG A 516 76.92 -2.94 -12.96
N GLU A 517 76.01 -3.55 -13.72
CA GLU A 517 76.03 -3.45 -15.18
C GLU A 517 75.86 -2.00 -15.69
N ASP A 518 76.54 -1.69 -16.81
CA ASP A 518 76.56 -0.31 -17.32
C ASP A 518 75.33 0.03 -18.15
N ASN A 519 74.81 -0.91 -18.93
CA ASN A 519 73.78 -0.56 -19.91
C ASN A 519 72.66 -1.59 -19.92
N VAL A 520 72.14 -1.93 -18.74
CA VAL A 520 71.00 -2.83 -18.63
C VAL A 520 69.70 -2.07 -18.36
N CYS A 521 69.70 -1.10 -17.43
CA CYS A 521 68.51 -0.30 -17.23
C CYS A 521 68.24 0.50 -18.49
N TYR A 522 66.96 0.83 -18.72
CA TYR A 522 66.45 1.28 -20.01
C TYR A 522 65.10 1.96 -19.85
N MET A 523 64.83 3.02 -20.64
CA MET A 523 63.49 3.60 -20.61
C MET A 523 63.18 4.14 -22.00
N LYS A 524 61.88 4.29 -22.30
CA LYS A 524 61.50 4.86 -23.59
C LYS A 524 60.17 5.57 -23.45
N LEU A 525 59.96 6.56 -24.34
CA LEU A 525 58.67 7.23 -24.53
C LEU A 525 58.20 6.97 -25.96
N VAL A 526 56.97 6.50 -26.10
CA VAL A 526 56.37 6.20 -27.40
C VAL A 526 55.38 7.31 -27.71
N CYS A 527 55.62 8.09 -28.78
CA CYS A 527 54.84 9.30 -29.03
C CYS A 527 54.17 9.30 -30.41
N ARG A 528 53.14 10.15 -30.54
CA ARG A 528 52.40 10.35 -31.80
C ARG A 528 52.79 11.68 -32.44
N LYS A 529 53.48 11.60 -33.59
CA LYS A 529 53.95 12.78 -34.30
C LYS A 529 52.82 13.75 -34.62
N SER A 530 51.67 13.24 -35.11
CA SER A 530 50.66 14.15 -35.64
C SER A 530 49.79 14.77 -34.56
N ASP A 531 49.84 14.27 -33.33
CA ASP A 531 49.10 14.87 -32.22
C ASP A 531 50.07 15.58 -31.29
N ASN A 532 50.91 16.46 -31.85
CA ASN A 532 51.76 17.32 -31.05
C ASN A 532 52.80 16.53 -30.26
N MET A 533 53.17 15.34 -30.76
CA MET A 533 54.14 14.47 -30.09
C MET A 533 53.62 14.02 -28.72
N ARG A 534 52.32 13.68 -28.67
CA ARG A 534 51.67 13.19 -27.46
C ARG A 534 52.34 11.92 -26.96
N VAL A 535 52.47 11.79 -25.65
CA VAL A 535 53.05 10.59 -25.05
C VAL A 535 51.96 9.52 -24.97
N LEU A 536 52.07 8.49 -25.80
CA LEU A 536 51.12 7.39 -25.83
C LEU A 536 51.46 6.26 -24.84
N GLY A 537 52.74 6.02 -24.55
CA GLY A 537 53.11 5.06 -23.53
C GLY A 537 54.48 5.37 -22.97
N LEU A 538 54.65 5.09 -21.68
CA LEU A 538 55.92 5.25 -20.97
C LEU A 538 56.38 3.90 -20.44
N HIS A 539 57.69 3.64 -20.47
CA HIS A 539 58.22 2.33 -20.11
C HIS A 539 59.59 2.50 -19.46
N VAL A 540 59.79 1.90 -18.28
CA VAL A 540 61.08 1.97 -17.59
C VAL A 540 61.39 0.63 -16.93
N LEU A 541 62.62 0.16 -17.14
CA LEU A 541 63.17 -1.02 -16.47
C LEU A 541 64.29 -0.54 -15.56
N GLY A 542 64.16 -0.81 -14.26
CA GLY A 542 65.14 -0.34 -13.29
C GLY A 542 64.67 -0.44 -11.85
N PRO A 543 65.54 -0.05 -10.92
CA PRO A 543 65.17 -0.10 -9.49
C PRO A 543 64.05 0.87 -9.15
N ASN A 544 63.16 0.46 -8.22
CA ASN A 544 62.07 1.33 -7.74
C ASN A 544 61.19 1.82 -8.90
N ALA A 545 60.96 0.94 -9.90
CA ALA A 545 60.25 1.37 -11.10
C ALA A 545 58.85 1.84 -10.79
N GLY A 546 58.24 1.27 -9.75
CA GLY A 546 56.92 1.70 -9.37
C GLY A 546 56.90 3.12 -8.85
N GLU A 547 57.83 3.47 -7.95
CA GLU A 547 57.89 4.86 -7.50
C GLU A 547 58.19 5.79 -8.67
N ILE A 548 59.06 5.36 -9.59
CA ILE A 548 59.40 6.17 -10.74
C ILE A 548 58.15 6.45 -11.58
N THR A 549 57.36 5.40 -11.85
CA THR A 549 56.28 5.50 -12.83
C THR A 549 55.07 6.26 -12.30
N GLN A 550 54.74 6.11 -11.01
CA GLN A 550 53.45 6.60 -10.52
C GLN A 550 53.21 8.06 -10.86
N GLY A 551 54.17 8.92 -10.55
CA GLY A 551 53.96 10.35 -10.77
C GLY A 551 53.60 10.69 -12.20
N TYR A 552 54.30 10.07 -13.18
CA TYR A 552 54.05 10.33 -14.60
C TYR A 552 52.63 9.96 -15.03
N ALA A 553 51.96 9.05 -14.33
CA ALA A 553 50.62 8.65 -14.72
C ALA A 553 49.62 9.78 -14.55
N VAL A 554 49.89 10.74 -13.66
CA VAL A 554 49.04 11.93 -13.57
C VAL A 554 49.23 12.79 -14.81
N ALA A 555 50.47 12.92 -15.28
CA ALA A 555 50.71 13.74 -16.45
C ALA A 555 50.17 13.09 -17.72
N ILE A 556 50.25 11.76 -17.81
CA ILE A 556 49.68 11.10 -18.97
C ILE A 556 48.15 11.26 -18.97
N LYS A 557 47.53 11.08 -17.81
CA LYS A 557 46.10 11.37 -17.67
C LYS A 557 45.77 12.74 -18.24
N MET A 558 46.60 13.75 -17.96
CA MET A 558 46.32 15.13 -18.37
C MET A 558 46.65 15.41 -19.83
N GLY A 559 47.16 14.45 -20.58
CA GLY A 559 47.43 14.63 -22.00
C GLY A 559 48.83 15.07 -22.32
N ALA A 560 49.83 14.67 -21.52
CA ALA A 560 51.17 15.21 -21.64
C ALA A 560 51.80 14.85 -22.99
N THR A 561 52.69 15.73 -23.46
CA THR A 561 53.40 15.63 -24.72
C THR A 561 54.89 15.60 -24.44
N LYS A 562 55.68 15.38 -25.48
CA LYS A 562 57.14 15.35 -25.31
C LYS A 562 57.67 16.72 -24.93
N ALA A 563 56.97 17.79 -25.33
CA ALA A 563 57.42 19.13 -24.97
C ALA A 563 57.26 19.38 -23.47
N ASP A 564 56.21 18.80 -22.87
CA ASP A 564 56.01 18.91 -21.43
C ASP A 564 57.13 18.24 -20.65
N PHE A 565 57.58 17.07 -21.13
CA PHE A 565 58.71 16.40 -20.48
C PHE A 565 59.99 17.23 -20.61
N ASP A 566 60.21 17.79 -21.81
CA ASP A 566 61.41 18.58 -22.08
C ASP A 566 61.48 19.81 -21.18
N ARG A 567 60.35 20.51 -20.99
CA ARG A 567 60.42 21.77 -20.27
C ARG A 567 60.49 21.58 -18.75
N THR A 568 60.18 20.40 -18.24
CA THR A 568 60.35 20.10 -16.81
C THR A 568 61.82 19.77 -16.51
N ILE A 569 62.31 20.28 -15.39
CA ILE A 569 63.71 20.10 -15.01
C ILE A 569 63.84 18.87 -14.12
N GLY A 570 64.94 18.12 -14.27
CA GLY A 570 65.11 16.93 -13.47
C GLY A 570 65.55 17.20 -12.03
N ILE A 571 65.42 16.15 -11.22
CA ILE A 571 65.98 16.07 -9.87
C ILE A 571 67.24 15.21 -9.93
N HIS A 572 68.35 15.73 -9.38
CA HIS A 572 69.65 15.07 -9.52
C HIS A 572 70.25 14.83 -8.15
N PRO A 573 70.82 13.65 -7.89
CA PRO A 573 70.94 12.45 -8.75
C PRO A 573 69.81 11.46 -8.55
N THR A 574 69.04 11.17 -9.61
CA THR A 574 67.97 10.16 -9.61
C THR A 574 68.00 9.39 -10.94
N CYS A 575 67.39 8.20 -10.94
CA CYS A 575 67.12 7.49 -12.18
C CYS A 575 66.00 8.16 -12.97
N SER A 576 64.96 8.60 -12.26
CA SER A 576 63.76 9.10 -12.92
C SER A 576 64.03 10.34 -13.76
N GLU A 577 65.12 11.07 -13.47
CA GLU A 577 65.40 12.32 -14.17
C GLU A 577 65.80 12.09 -15.62
N THR A 578 66.23 10.88 -15.97
CA THR A 578 66.58 10.57 -17.35
C THR A 578 65.41 10.83 -18.30
N PHE A 579 64.16 10.76 -17.82
CA PHE A 579 62.99 11.03 -18.65
C PHE A 579 62.90 12.49 -19.08
N THR A 580 63.53 13.41 -18.35
CA THR A 580 63.37 14.82 -18.66
C THR A 580 64.32 15.31 -19.74
N THR A 581 65.28 14.48 -20.19
CA THR A 581 66.29 14.88 -21.17
C THR A 581 66.44 13.88 -22.32
N LEU A 582 65.38 13.15 -22.65
CA LEU A 582 65.51 12.15 -23.70
C LEU A 582 65.60 12.80 -25.09
N HIS A 583 66.52 12.30 -25.91
CA HIS A 583 66.72 12.91 -27.22
C HIS A 583 67.03 11.95 -28.37
N VAL A 584 67.45 10.71 -28.13
CA VAL A 584 67.79 9.78 -29.22
C VAL A 584 66.55 9.03 -29.67
N THR A 585 66.26 9.07 -30.96
CA THR A 585 65.12 8.36 -31.53
C THR A 585 65.56 7.02 -32.13
N LYS A 586 64.61 6.09 -32.21
CA LYS A 586 64.88 4.80 -32.83
C LYS A 586 65.14 4.94 -34.33
N LYS A 587 64.36 5.80 -34.99
CA LYS A 587 64.53 6.01 -36.43
C LYS A 587 65.92 6.54 -36.76
N SER A 588 66.45 7.40 -35.89
CA SER A 588 67.79 7.93 -36.12
C SER A 588 68.83 6.82 -36.19
N GLY A 589 68.56 5.65 -35.61
CA GLY A 589 69.59 4.64 -35.54
C GLY A 589 70.75 4.92 -34.60
N VAL A 590 70.76 6.03 -33.87
CA VAL A 590 71.83 6.28 -32.90
C VAL A 590 71.71 5.31 -31.73
N SER A 591 72.84 4.81 -31.25
CA SER A 591 72.83 3.89 -30.11
C SER A 591 72.29 4.56 -28.85
N PRO A 592 71.50 3.85 -28.04
CA PRO A 592 71.01 4.40 -26.76
C PRO A 592 71.92 4.20 -25.56
N ILE A 593 73.07 3.52 -25.69
CA ILE A 593 73.96 3.40 -24.53
C ILE A 593 74.47 4.78 -24.12
N VAL A 594 74.98 4.87 -22.88
CA VAL A 594 75.44 6.16 -22.36
C VAL A 594 76.92 6.20 -21.95
N GLY B 7 -71.95 25.23 -2.86
CA GLY B 7 -70.56 24.99 -2.53
C GLY B 7 -70.28 24.97 -1.03
N THR B 8 -70.31 26.17 -0.42
CA THR B 8 -70.16 26.29 1.03
C THR B 8 -71.23 25.50 1.77
N SER B 9 -72.43 25.44 1.19
CA SER B 9 -73.55 24.72 1.80
C SER B 9 -73.15 23.31 2.21
N GLN B 10 -72.65 22.52 1.25
CA GLN B 10 -72.44 21.10 1.47
C GLN B 10 -71.17 20.78 2.24
N TRP B 11 -70.24 21.72 2.38
CA TRP B 11 -69.19 21.54 3.36
C TRP B 11 -69.78 21.55 4.77
N LEU B 12 -70.64 22.52 5.05
CA LEU B 12 -71.23 22.62 6.39
C LEU B 12 -72.06 21.38 6.70
N ARG B 13 -72.85 20.90 5.74
CA ARG B 13 -73.62 19.67 5.94
C ARG B 13 -72.71 18.49 6.28
N LYS B 14 -71.61 18.33 5.54
CA LYS B 14 -70.71 17.20 5.76
C LYS B 14 -70.02 17.29 7.11
N THR B 15 -69.61 18.50 7.50
CA THR B 15 -68.97 18.71 8.80
C THR B 15 -69.92 18.35 9.94
N VAL B 16 -71.17 18.81 9.87
CA VAL B 16 -72.10 18.64 10.99
C VAL B 16 -72.51 17.17 11.11
N ASP B 17 -72.77 16.50 9.98
CA ASP B 17 -73.19 15.10 10.06
C ASP B 17 -72.10 14.18 10.57
N SER B 18 -70.85 14.63 10.59
CA SER B 18 -69.72 13.77 10.92
C SER B 18 -69.05 14.11 12.26
N ALA B 19 -68.94 15.38 12.64
CA ALA B 19 -68.33 15.73 13.92
C ALA B 19 -69.09 15.09 15.08
N ALA B 20 -68.37 14.80 16.17
CA ALA B 20 -68.98 14.27 17.39
C ALA B 20 -69.51 15.39 18.28
N VAL B 21 -68.67 16.37 18.59
CA VAL B 21 -69.06 17.56 19.35
C VAL B 21 -68.36 18.75 18.71
N ILE B 22 -69.13 19.68 18.15
CA ILE B 22 -68.55 20.81 17.41
C ILE B 22 -69.27 22.10 17.78
N LEU B 23 -68.50 23.14 18.08
CA LEU B 23 -69.01 24.43 18.49
C LEU B 23 -68.67 25.45 17.42
N PHE B 24 -69.69 26.08 16.85
CA PHE B 24 -69.50 27.20 15.93
C PHE B 24 -69.48 28.49 16.76
N SER B 25 -68.36 29.21 16.73
CA SER B 25 -68.13 30.25 17.72
C SER B 25 -67.51 31.48 17.04
N LYS B 26 -67.25 32.51 17.85
CA LYS B 26 -66.52 33.69 17.42
C LYS B 26 -65.57 34.12 18.53
N THR B 27 -64.38 34.61 18.15
CA THR B 27 -63.36 34.94 19.14
C THR B 27 -63.74 36.16 19.95
N THR B 28 -64.49 37.09 19.34
CA THR B 28 -64.85 38.34 19.99
C THR B 28 -65.97 38.17 21.02
N CYS B 29 -66.81 37.15 20.85
CA CYS B 29 -68.02 37.00 21.64
C CYS B 29 -67.72 36.40 23.01
N PRO B 30 -68.17 37.04 24.10
CA PRO B 30 -68.05 36.41 25.43
C PRO B 30 -69.16 35.42 25.76
N TYR B 31 -70.24 35.38 24.99
CA TYR B 31 -71.24 34.34 25.17
C TYR B 31 -70.67 32.97 24.82
N CYS B 32 -69.81 32.89 23.80
CA CYS B 32 -69.11 31.64 23.51
C CYS B 32 -68.10 31.31 24.59
N LYS B 33 -67.29 32.29 25.01
CA LYS B 33 -66.30 32.05 26.06
C LYS B 33 -66.97 31.51 27.33
N LYS B 34 -68.19 31.94 27.60
CA LYS B 34 -68.97 31.35 28.69
C LYS B 34 -69.32 29.89 28.39
N VAL B 35 -69.54 29.55 27.12
CA VAL B 35 -69.90 28.18 26.77
C VAL B 35 -68.66 27.29 26.74
N LYS B 36 -67.55 27.80 26.19
CA LYS B 36 -66.32 27.01 26.12
C LYS B 36 -65.87 26.58 27.51
N ASP B 37 -65.92 27.50 28.49
CA ASP B 37 -65.49 27.20 29.84
C ASP B 37 -66.41 26.16 30.50
N VAL B 38 -67.71 26.23 30.20
CA VAL B 38 -68.65 25.22 30.68
C VAL B 38 -68.23 23.83 30.20
N LEU B 39 -67.75 23.74 28.95
CA LEU B 39 -67.36 22.46 28.38
C LEU B 39 -66.02 21.98 28.94
N ALA B 40 -65.04 22.88 29.08
CA ALA B 40 -63.76 22.47 29.66
C ALA B 40 -63.93 21.96 31.08
N GLU B 41 -64.80 22.60 31.87
CA GLU B 41 -65.04 22.17 33.23
C GLU B 41 -65.71 20.80 33.27
N ALA B 42 -66.65 20.55 32.37
CA ALA B 42 -67.33 19.26 32.31
C ALA B 42 -66.47 18.17 31.67
N LYS B 43 -65.25 18.50 31.25
CA LYS B 43 -64.34 17.56 30.58
C LYS B 43 -65.00 16.95 29.34
N ILE B 44 -65.56 17.82 28.50
CA ILE B 44 -66.12 17.46 27.21
C ILE B 44 -65.20 18.05 26.15
N LYS B 45 -64.54 17.18 25.38
CA LYS B 45 -63.71 17.65 24.28
C LYS B 45 -64.59 17.90 23.06
N HIS B 46 -64.15 18.82 22.21
CA HIS B 46 -64.94 19.17 21.04
C HIS B 46 -64.07 19.91 20.04
N ALA B 47 -64.54 19.96 18.80
CA ALA B 47 -63.96 20.82 17.78
C ALA B 47 -64.56 22.22 17.89
N THR B 48 -63.91 23.20 17.27
CA THR B 48 -64.38 24.57 17.34
C THR B 48 -64.06 25.28 16.04
N ILE B 49 -65.09 25.88 15.42
CA ILE B 49 -64.97 26.58 14.15
C ILE B 49 -65.18 28.07 14.42
N GLU B 50 -64.08 28.82 14.57
CA GLU B 50 -64.16 30.26 14.80
C GLU B 50 -64.51 30.97 13.49
N LEU B 51 -65.73 31.49 13.39
CA LEU B 51 -66.20 32.07 12.13
C LEU B 51 -65.60 33.45 11.86
N ASP B 52 -65.24 34.20 12.91
CA ASP B 52 -64.60 35.50 12.70
C ASP B 52 -63.16 35.37 12.22
N GLN B 53 -62.67 34.16 11.98
CA GLN B 53 -61.34 33.91 11.42
C GLN B 53 -61.45 32.97 10.22
N LEU B 54 -62.35 33.29 9.31
CA LEU B 54 -62.51 32.49 8.10
C LEU B 54 -62.86 33.40 6.94
N SER B 55 -62.48 32.97 5.74
CA SER B 55 -62.75 33.73 4.53
C SER B 55 -64.23 34.09 4.46
N ASN B 56 -65.10 33.11 4.24
CA ASN B 56 -66.52 33.40 4.15
C ASN B 56 -67.28 32.95 5.39
N GLY B 57 -66.76 33.28 6.58
CA GLY B 57 -67.47 32.99 7.80
C GLY B 57 -68.85 33.61 7.89
N SER B 58 -69.11 34.68 7.12
CA SER B 58 -70.41 35.33 7.13
C SER B 58 -71.45 34.55 6.34
N ALA B 59 -71.04 33.67 5.43
CA ALA B 59 -71.99 32.85 4.70
C ALA B 59 -72.36 31.58 5.46
N ILE B 60 -71.42 31.04 6.25
CA ILE B 60 -71.71 29.87 7.06
C ILE B 60 -72.70 30.21 8.16
N GLN B 61 -72.49 31.35 8.83
CA GLN B 61 -73.43 31.85 9.83
C GLN B 61 -74.87 31.80 9.31
N LYS B 62 -75.10 32.34 8.12
CA LYS B 62 -76.41 32.24 7.50
C LYS B 62 -76.78 30.78 7.26
N CYS B 63 -75.85 30.03 6.67
CA CYS B 63 -76.14 28.65 6.28
C CYS B 63 -76.45 27.77 7.48
N LEU B 64 -75.92 28.12 8.66
CA LEU B 64 -76.16 27.33 9.87
C LEU B 64 -77.63 27.24 10.22
N ALA B 65 -78.42 28.25 9.81
CA ALA B 65 -79.83 28.30 10.18
C ALA B 65 -80.64 27.19 9.53
N SER B 66 -80.11 26.53 8.50
CA SER B 66 -80.78 25.37 7.90
C SER B 66 -80.90 24.22 8.88
N PHE B 67 -80.11 24.22 9.95
CA PHE B 67 -80.15 23.18 10.97
C PHE B 67 -80.77 23.66 12.28
N SER B 68 -80.54 24.92 12.65
CA SER B 68 -80.92 25.40 13.96
C SER B 68 -82.14 26.31 13.96
N LYS B 69 -82.47 26.91 12.82
CA LYS B 69 -83.47 27.96 12.64
C LYS B 69 -83.00 29.29 13.23
N ILE B 70 -81.80 29.36 13.81
CA ILE B 70 -81.24 30.61 14.28
C ILE B 70 -79.97 30.92 13.49
N GLU B 71 -79.61 32.20 13.45
CA GLU B 71 -78.47 32.69 12.66
C GLU B 71 -77.35 33.25 13.52
N THR B 72 -77.40 33.05 14.83
CA THR B 72 -76.48 33.72 15.73
C THR B 72 -75.43 32.73 16.25
N VAL B 73 -74.46 33.27 16.98
CA VAL B 73 -73.39 32.47 17.58
C VAL B 73 -73.45 32.63 19.10
N PRO B 74 -73.18 31.57 19.88
CA PRO B 74 -72.70 30.26 19.48
C PRO B 74 -73.78 29.21 19.22
N GLN B 75 -73.43 28.16 18.47
CA GLN B 75 -74.27 26.99 18.28
C GLN B 75 -73.42 25.74 18.46
N MET B 76 -73.95 24.77 19.22
CA MET B 76 -73.23 23.53 19.52
C MET B 76 -74.02 22.33 19.01
N PHE B 77 -73.33 21.41 18.35
CA PHE B 77 -73.95 20.22 17.77
C PHE B 77 -73.32 18.96 18.36
N VAL B 78 -74.11 17.90 18.45
CA VAL B 78 -73.61 16.59 18.87
C VAL B 78 -74.02 15.58 17.82
N ARG B 79 -73.03 14.96 17.18
CA ARG B 79 -73.25 13.86 16.23
C ARG B 79 -74.35 14.18 15.23
N GLY B 80 -74.38 15.43 14.76
CA GLY B 80 -75.27 15.86 13.70
C GLY B 80 -76.51 16.61 14.16
N LYS B 81 -76.75 16.67 15.46
CA LYS B 81 -77.99 17.17 16.02
C LYS B 81 -77.74 18.48 16.75
N PHE B 82 -78.47 19.53 16.38
CA PHE B 82 -78.36 20.80 17.07
C PHE B 82 -78.81 20.65 18.52
N ILE B 83 -78.08 21.29 19.44
CA ILE B 83 -78.30 21.09 20.86
C ILE B 83 -78.80 22.36 21.55
N GLY B 84 -78.33 23.53 21.13
CA GLY B 84 -78.87 24.77 21.67
C GLY B 84 -77.92 25.93 21.55
N ASP B 85 -78.43 27.11 21.93
CA ASP B 85 -77.64 28.32 22.06
C ASP B 85 -77.12 28.43 23.49
N SER B 86 -76.59 29.60 23.86
CA SER B 86 -75.91 29.73 25.14
C SER B 86 -76.84 29.42 26.33
N GLN B 87 -78.08 29.92 26.28
CA GLN B 87 -79.02 29.62 27.36
C GLN B 87 -79.37 28.13 27.40
N THR B 88 -79.65 27.54 26.24
CA THR B 88 -80.09 26.14 26.21
C THR B 88 -78.99 25.19 26.70
N VAL B 89 -77.73 25.54 26.51
CA VAL B 89 -76.66 24.69 27.00
C VAL B 89 -76.50 24.82 28.51
N LEU B 90 -76.57 26.05 29.04
CA LEU B 90 -76.47 26.22 30.48
C LEU B 90 -77.69 25.67 31.21
N LYS B 91 -78.85 25.59 30.53
CA LYS B 91 -80.00 24.90 31.10
C LYS B 91 -79.74 23.40 31.24
N TYR B 92 -79.00 22.82 30.30
CA TYR B 92 -78.61 21.42 30.39
C TYR B 92 -77.51 21.22 31.44
N TYR B 93 -76.64 22.21 31.63
CA TYR B 93 -75.60 22.12 32.64
C TYR B 93 -76.17 22.26 34.06
N SER B 94 -77.15 23.15 34.24
CA SER B 94 -77.72 23.38 35.57
C SER B 94 -78.61 22.21 36.01
N ASN B 95 -79.38 21.64 35.08
CA ASN B 95 -80.19 20.45 35.31
C ASN B 95 -79.38 19.15 35.24
N ASP B 96 -78.06 19.26 34.98
CA ASP B 96 -77.17 18.12 34.77
C ASP B 96 -77.76 17.08 33.82
N GLU B 97 -78.24 17.56 32.68
CA GLU B 97 -78.66 16.72 31.57
C GLU B 97 -77.63 16.68 30.45
N LEU B 98 -76.48 17.34 30.64
CA LEU B 98 -75.52 17.57 29.56
C LEU B 98 -74.69 16.35 29.23
N ALA B 99 -74.20 15.61 30.24
CA ALA B 99 -73.38 14.44 29.98
C ALA B 99 -74.14 13.41 29.15
N GLY B 100 -75.41 13.19 29.48
CA GLY B 100 -76.19 12.19 28.77
C GLY B 100 -76.44 12.53 27.32
N ILE B 101 -76.49 13.83 27.01
CA ILE B 101 -76.75 14.25 25.64
C ILE B 101 -75.46 14.16 24.80
N VAL B 102 -74.34 14.67 25.32
CA VAL B 102 -73.10 14.61 24.56
C VAL B 102 -72.59 13.19 24.37
N ASN B 103 -73.01 12.24 25.22
CA ASN B 103 -72.55 10.87 25.14
C ASN B 103 -73.47 9.94 24.36
N GLU B 104 -74.69 10.36 24.06
CA GLU B 104 -75.61 9.45 23.39
C GLU B 104 -75.24 9.32 21.93
N SER B 105 -75.15 8.07 21.45
CA SER B 105 -74.69 7.79 20.10
C SER B 105 -75.34 6.53 19.58
N LYS B 106 -75.57 6.52 18.26
CA LYS B 106 -76.10 5.33 17.60
C LYS B 106 -75.14 4.14 17.71
N TYR B 107 -73.84 4.39 17.87
CA TYR B 107 -72.86 3.32 17.88
C TYR B 107 -72.05 3.35 19.18
N ASP B 108 -71.30 2.27 19.41
CA ASP B 108 -70.43 2.21 20.58
C ASP B 108 -69.35 3.28 20.52
N TYR B 109 -68.81 3.52 19.33
CA TYR B 109 -67.71 4.46 19.16
C TYR B 109 -67.94 5.33 17.94
N ASP B 110 -67.45 6.56 17.99
CA ASP B 110 -67.40 7.37 16.79
C ASP B 110 -66.36 6.83 15.78
N LEU B 111 -65.33 6.14 16.25
CA LEU B 111 -64.24 5.72 15.40
C LEU B 111 -63.62 4.45 15.96
N ILE B 112 -63.44 3.47 15.10
CA ILE B 112 -62.69 2.26 15.42
C ILE B 112 -61.50 2.20 14.47
N VAL B 113 -60.30 2.08 15.03
CA VAL B 113 -59.09 1.89 14.25
C VAL B 113 -58.66 0.44 14.39
N ILE B 114 -58.60 -0.28 13.27
CA ILE B 114 -58.03 -1.63 13.25
C ILE B 114 -56.56 -1.48 12.85
N GLY B 115 -55.66 -1.77 13.78
CA GLY B 115 -54.24 -1.68 13.51
C GLY B 115 -53.58 -0.62 14.37
N GLY B 116 -52.74 -1.04 15.32
CA GLY B 116 -52.13 -0.09 16.24
C GLY B 116 -50.69 0.23 15.94
N GLY B 117 -50.43 0.72 14.71
CA GLY B 117 -49.09 1.06 14.28
C GLY B 117 -48.95 2.52 13.89
N SER B 118 -48.03 2.83 12.98
CA SER B 118 -47.69 4.23 12.70
C SER B 118 -48.94 5.04 12.34
N GLY B 119 -49.67 4.59 11.32
CA GLY B 119 -50.84 5.34 10.88
C GLY B 119 -51.99 5.25 11.86
N GLY B 120 -52.25 4.05 12.41
CA GLY B 120 -53.40 3.86 13.26
C GLY B 120 -53.33 4.64 14.56
N LEU B 121 -52.20 4.54 15.27
CA LEU B 121 -52.05 5.33 16.50
C LEU B 121 -52.16 6.82 16.22
N ALA B 122 -51.66 7.27 15.07
CA ALA B 122 -51.71 8.70 14.79
C ALA B 122 -53.14 9.17 14.56
N ALA B 123 -53.92 8.42 13.77
CA ALA B 123 -55.32 8.77 13.54
C ALA B 123 -56.14 8.78 14.83
N GLY B 124 -55.97 7.75 15.66
CA GLY B 124 -56.79 7.65 16.87
C GLY B 124 -56.57 8.80 17.84
N LYS B 125 -55.30 9.17 18.06
CA LYS B 125 -55.01 10.26 19.00
C LYS B 125 -55.55 11.58 18.48
N GLU B 126 -55.32 11.86 17.20
CA GLU B 126 -55.81 13.11 16.64
C GLU B 126 -57.32 13.19 16.66
N ALA B 127 -58.01 12.06 16.43
CA ALA B 127 -59.48 12.06 16.49
C ALA B 127 -59.98 12.36 17.89
N ALA B 128 -59.39 11.71 18.89
CA ALA B 128 -59.82 11.90 20.28
C ALA B 128 -59.67 13.35 20.73
N LYS B 129 -58.73 14.10 20.16
CA LYS B 129 -58.60 15.51 20.52
C LYS B 129 -59.93 16.24 20.33
N TYR B 130 -60.57 16.02 19.18
CA TYR B 130 -61.75 16.79 18.82
C TYR B 130 -63.04 16.19 19.34
N GLY B 131 -62.96 15.28 20.31
CA GLY B 131 -64.12 14.78 21.00
C GLY B 131 -64.63 13.43 20.55
N ALA B 132 -64.01 12.79 19.57
CA ALA B 132 -64.52 11.53 19.07
C ALA B 132 -64.25 10.40 20.07
N LYS B 133 -65.25 9.56 20.29
CA LYS B 133 -65.12 8.38 21.14
C LYS B 133 -64.43 7.29 20.33
N THR B 134 -63.20 6.95 20.69
CA THR B 134 -62.30 6.24 19.79
C THR B 134 -61.81 4.94 20.43
N ALA B 135 -61.74 3.90 19.61
CA ALA B 135 -61.12 2.65 20.01
C ALA B 135 -60.01 2.32 19.02
N VAL B 136 -58.89 1.81 19.55
CA VAL B 136 -57.75 1.39 18.76
C VAL B 136 -57.46 -0.06 19.08
N LEU B 137 -57.50 -0.92 18.07
CA LEU B 137 -57.27 -2.35 18.23
C LEU B 137 -55.90 -2.69 17.67
N ASP B 138 -55.15 -3.55 18.36
CA ASP B 138 -53.88 -4.02 17.85
C ASP B 138 -53.64 -5.45 18.32
N TYR B 139 -53.09 -6.27 17.42
CA TYR B 139 -52.74 -7.65 17.73
C TYR B 139 -51.56 -8.01 16.85
N VAL B 140 -50.59 -8.71 17.43
CA VAL B 140 -49.37 -9.09 16.72
C VAL B 140 -49.38 -10.62 16.61
N GLU B 141 -49.71 -11.10 15.42
CA GLU B 141 -49.66 -12.52 15.13
C GLU B 141 -48.21 -12.98 15.13
N PRO B 142 -47.87 -14.02 15.89
CA PRO B 142 -46.47 -14.44 16.00
C PRO B 142 -45.89 -14.92 14.68
N THR B 143 -44.57 -14.83 14.57
CA THR B 143 -43.83 -15.37 13.44
C THR B 143 -43.84 -16.91 13.54
N PRO B 144 -43.40 -17.60 12.48
CA PRO B 144 -43.37 -19.09 12.55
C PRO B 144 -42.55 -19.64 13.71
N ILE B 145 -41.42 -19.05 14.08
CA ILE B 145 -40.70 -19.51 15.27
C ILE B 145 -41.23 -18.89 16.56
N GLY B 146 -42.30 -18.10 16.50
CA GLY B 146 -42.99 -17.65 17.69
C GLY B 146 -42.69 -16.23 18.17
N THR B 147 -41.82 -15.49 17.49
CA THR B 147 -41.49 -14.12 17.90
C THR B 147 -42.74 -13.24 17.96
N THR B 148 -42.79 -12.38 18.99
CA THR B 148 -43.91 -11.47 19.18
C THR B 148 -43.38 -10.21 19.88
N TRP B 149 -44.14 -9.11 19.79
CA TRP B 149 -43.73 -7.80 20.33
C TRP B 149 -44.97 -6.99 20.71
N GLY B 150 -44.74 -5.76 21.19
CA GLY B 150 -45.79 -4.94 21.78
C GLY B 150 -46.37 -3.90 20.81
N LEU B 151 -47.14 -2.98 21.40
CA LEU B 151 -47.89 -1.98 20.65
C LEU B 151 -46.98 -0.97 19.98
N GLY B 152 -47.36 -0.55 18.76
CA GLY B 152 -46.64 0.48 18.02
C GLY B 152 -46.38 0.21 16.54
N GLY B 153 -46.52 -1.04 16.09
CA GLY B 153 -46.43 -1.34 14.67
C GLY B 153 -45.05 -1.79 14.22
N THR B 154 -44.89 -1.82 12.88
CA THR B 154 -43.70 -2.43 12.28
C THR B 154 -42.46 -1.54 12.44
N CYS B 155 -42.59 -0.24 12.18
CA CYS B 155 -41.47 0.69 12.34
C CYS B 155 -40.88 0.61 13.74
N VAL B 156 -41.74 0.74 14.77
CA VAL B 156 -41.32 0.85 16.16
C VAL B 156 -40.64 -0.42 16.64
N ASN B 157 -41.24 -1.59 16.32
CA ASN B 157 -40.82 -2.87 16.88
C ASN B 157 -39.86 -3.66 16.00
N VAL B 158 -40.06 -3.68 14.66
CA VAL B 158 -39.24 -4.53 13.78
C VAL B 158 -38.88 -3.84 12.46
N GLY B 159 -38.66 -2.53 12.49
CA GLY B 159 -38.47 -1.77 11.27
C GLY B 159 -37.52 -0.58 11.48
N CYS B 160 -37.98 0.63 11.15
CA CYS B 160 -37.09 1.80 11.09
C CYS B 160 -36.26 2.01 12.36
N ILE B 161 -36.87 1.83 13.53
CA ILE B 161 -36.24 2.17 14.80
C ILE B 161 -35.14 1.16 15.15
N PRO B 162 -35.41 -0.14 15.22
CA PRO B 162 -34.29 -1.06 15.53
C PRO B 162 -33.25 -1.17 14.41
N LYS B 163 -33.62 -1.01 13.14
CA LYS B 163 -32.58 -1.18 12.13
C LYS B 163 -31.64 0.04 12.07
N LYS B 164 -32.15 1.26 12.27
CA LYS B 164 -31.21 2.38 12.32
C LYS B 164 -30.34 2.34 13.57
N LEU B 165 -30.87 1.84 14.68
CA LEU B 165 -30.02 1.66 15.85
C LEU B 165 -28.90 0.67 15.56
N MET B 166 -29.21 -0.43 14.85
CA MET B 166 -28.15 -1.38 14.52
C MET B 166 -27.22 -0.83 13.44
N HIS B 167 -27.76 -0.06 12.49
CA HIS B 167 -26.92 0.68 11.56
C HIS B 167 -25.90 1.57 12.31
N GLN B 168 -26.35 2.22 13.40
CA GLN B 168 -25.45 3.11 14.14
C GLN B 168 -24.35 2.33 14.85
N ALA B 169 -24.67 1.14 15.36
CA ALA B 169 -23.64 0.28 15.93
C ALA B 169 -22.61 -0.10 14.88
N GLY B 170 -23.02 -0.20 13.62
CA GLY B 170 -22.09 -0.49 12.56
C GLY B 170 -21.25 0.71 12.14
N LEU B 171 -21.88 1.89 12.03
CA LEU B 171 -21.10 3.09 11.76
C LEU B 171 -20.03 3.32 12.83
N LEU B 172 -20.32 2.96 14.09
CA LEU B 172 -19.32 3.27 15.11
C LEU B 172 -18.03 2.50 14.90
N SER B 173 -18.05 1.39 14.15
CA SER B 173 -16.81 0.64 13.93
C SER B 173 -15.80 1.48 13.15
N HIS B 174 -16.27 2.22 12.15
CA HIS B 174 -15.37 3.09 11.39
C HIS B 174 -14.98 4.33 12.20
N ALA B 175 -15.82 4.71 13.16
CA ALA B 175 -15.44 5.77 14.10
C ALA B 175 -14.25 5.35 14.96
N LEU B 176 -14.27 4.13 15.50
CA LEU B 176 -13.13 3.60 16.24
C LEU B 176 -11.89 3.56 15.37
N GLU B 177 -12.04 3.19 14.10
CA GLU B 177 -10.92 3.23 13.16
C GLU B 177 -10.44 4.65 12.93
N ASP B 178 -11.37 5.59 12.71
CA ASP B 178 -10.95 6.97 12.39
C ASP B 178 -10.23 7.63 13.55
N ALA B 179 -10.61 7.29 14.79
CA ALA B 179 -10.08 7.99 15.96
C ALA B 179 -8.56 7.87 16.08
N GLU B 180 -7.98 6.76 15.63
CA GLU B 180 -6.52 6.63 15.64
C GLU B 180 -5.86 7.75 14.84
N HIS B 181 -6.32 7.96 13.61
CA HIS B 181 -5.73 9.00 12.78
C HIS B 181 -5.96 10.40 13.30
N PHE B 182 -6.98 10.60 14.14
CA PHE B 182 -7.22 11.93 14.70
C PHE B 182 -6.48 12.13 16.01
N GLY B 183 -5.62 11.18 16.41
CA GLY B 183 -4.82 11.30 17.61
C GLY B 183 -5.26 10.48 18.81
N TRP B 184 -6.32 9.69 18.74
CA TRP B 184 -6.72 8.89 19.90
C TRP B 184 -5.95 7.57 19.97
N SER B 185 -5.74 7.09 21.20
CA SER B 185 -4.72 6.08 21.52
C SER B 185 -5.25 4.66 21.56
N LEU B 186 -6.41 4.38 20.98
CA LEU B 186 -6.96 3.03 20.97
C LEU B 186 -6.44 2.24 19.77
N ASP B 187 -6.37 0.92 19.92
CA ASP B 187 -6.02 0.02 18.82
C ASP B 187 -7.28 -0.75 18.42
N ARG B 188 -7.88 -0.32 17.30
CA ARG B 188 -9.14 -0.87 16.82
C ARG B 188 -9.03 -2.37 16.53
N SER B 189 -7.84 -2.84 16.16
CA SER B 189 -7.62 -4.25 15.88
C SER B 189 -7.97 -5.14 17.06
N LYS B 190 -7.92 -4.61 18.29
CA LYS B 190 -8.13 -5.43 19.48
C LYS B 190 -9.50 -5.20 20.12
N ILE B 191 -10.48 -4.72 19.37
CA ILE B 191 -11.83 -4.48 19.88
C ILE B 191 -12.81 -5.35 19.09
N SER B 192 -13.73 -5.99 19.79
CA SER B 192 -14.75 -6.83 19.17
C SER B 192 -16.12 -6.36 19.61
N HIS B 193 -17.16 -7.00 19.07
CA HIS B 193 -18.53 -6.56 19.30
C HIS B 193 -19.36 -7.67 19.94
N ASN B 194 -20.25 -7.28 20.85
CA ASN B 194 -21.12 -8.20 21.57
C ASN B 194 -22.57 -8.01 21.11
N TRP B 195 -23.08 -8.99 20.36
CA TRP B 195 -24.44 -8.90 19.81
C TRP B 195 -25.48 -8.75 20.90
N SER B 196 -25.44 -9.63 21.90
CA SER B 196 -26.51 -9.65 22.89
C SER B 196 -26.52 -8.38 23.74
N THR B 197 -25.35 -7.78 24.01
CA THR B 197 -25.32 -6.45 24.64
C THR B 197 -26.07 -5.42 23.79
N MET B 198 -25.83 -5.42 22.47
CA MET B 198 -26.55 -4.53 21.58
C MET B 198 -28.05 -4.76 21.64
N VAL B 199 -28.47 -6.02 21.49
CA VAL B 199 -29.91 -6.32 21.44
C VAL B 199 -30.60 -5.91 22.74
N GLU B 200 -29.92 -6.04 23.88
CA GLU B 200 -30.53 -5.62 25.14
C GLU B 200 -30.78 -4.12 25.14
N GLY B 201 -29.80 -3.32 24.68
CA GLY B 201 -30.02 -1.88 24.64
C GLY B 201 -31.12 -1.48 23.68
N VAL B 202 -31.15 -2.10 22.50
CA VAL B 202 -32.16 -1.79 21.49
C VAL B 202 -33.55 -2.16 21.98
N GLN B 203 -33.70 -3.34 22.61
CA GLN B 203 -35.02 -3.78 23.06
C GLN B 203 -35.53 -2.97 24.25
N SER B 204 -34.64 -2.53 25.12
CA SER B 204 -35.04 -1.65 26.21
C SER B 204 -35.62 -0.34 25.67
N HIS B 205 -35.03 0.23 24.62
CA HIS B 205 -35.64 1.44 24.05
C HIS B 205 -37.01 1.13 23.46
N ILE B 206 -37.12 0.03 22.71
CA ILE B 206 -38.40 -0.34 22.12
C ILE B 206 -39.46 -0.52 23.20
N GLY B 207 -39.07 -1.15 24.32
CA GLY B 207 -40.01 -1.33 25.42
C GLY B 207 -40.49 -0.02 26.03
N SER B 208 -39.60 0.98 26.10
CA SER B 208 -40.08 2.28 26.53
C SER B 208 -41.01 2.94 25.51
N LEU B 209 -40.93 2.56 24.23
CA LEU B 209 -41.89 3.10 23.26
C LEU B 209 -43.22 2.35 23.32
N ASN B 210 -43.21 1.03 23.53
CA ASN B 210 -44.47 0.32 23.79
C ASN B 210 -45.24 1.00 24.92
N TRP B 211 -44.56 1.20 26.06
CA TRP B 211 -45.20 1.77 27.24
C TRP B 211 -45.67 3.20 26.97
N GLY B 212 -44.85 4.00 26.30
CA GLY B 212 -45.25 5.37 26.00
C GLY B 212 -46.56 5.45 25.23
N TYR B 213 -46.73 4.56 24.24
CA TYR B 213 -47.96 4.55 23.43
C TYR B 213 -49.18 4.21 24.29
N LYS B 214 -49.08 3.19 25.15
CA LYS B 214 -50.21 2.86 26.02
C LYS B 214 -50.56 4.01 26.96
N VAL B 215 -49.54 4.72 27.46
CA VAL B 215 -49.79 5.88 28.31
C VAL B 215 -50.44 6.98 27.51
N ALA B 216 -49.96 7.23 26.29
CA ALA B 216 -50.55 8.26 25.45
C ALA B 216 -52.01 7.97 25.12
N LEU B 217 -52.35 6.72 24.80
CA LEU B 217 -53.74 6.39 24.51
C LEU B 217 -54.63 6.66 25.72
N ARG B 218 -54.19 6.22 26.90
CA ARG B 218 -54.99 6.43 28.11
C ARG B 218 -55.19 7.91 28.40
N ASP B 219 -54.14 8.72 28.28
CA ASP B 219 -54.25 10.13 28.60
C ASP B 219 -54.98 10.94 27.52
N ASN B 220 -55.45 10.31 26.44
CA ASN B 220 -56.39 10.92 25.51
C ASN B 220 -57.77 10.28 25.58
N GLN B 221 -58.00 9.41 26.56
CA GLN B 221 -59.29 8.74 26.73
C GLN B 221 -59.61 7.88 25.50
N VAL B 222 -58.61 7.18 24.98
CA VAL B 222 -58.78 6.24 23.87
C VAL B 222 -58.81 4.83 24.44
N THR B 223 -59.86 4.07 24.11
CA THR B 223 -59.92 2.67 24.53
C THR B 223 -58.94 1.85 23.70
N TYR B 224 -57.96 1.23 24.36
CA TYR B 224 -57.01 0.34 23.70
C TYR B 224 -57.40 -1.10 23.99
N LEU B 225 -57.59 -1.89 22.93
CA LEU B 225 -57.91 -3.32 23.04
C LEU B 225 -56.83 -4.14 22.36
N ASN B 226 -56.14 -4.99 23.13
CA ASN B 226 -55.19 -5.95 22.57
C ASN B 226 -55.97 -7.15 22.03
N ALA B 227 -56.48 -7.00 20.81
CA ALA B 227 -57.39 -7.98 20.23
C ALA B 227 -57.31 -7.94 18.70
N LYS B 228 -57.67 -9.05 18.07
CA LYS B 228 -57.68 -9.16 16.62
C LYS B 228 -59.04 -8.72 16.11
N GLY B 229 -59.05 -7.77 15.18
CA GLY B 229 -60.28 -7.18 14.65
C GLY B 229 -60.61 -7.69 13.26
N ARG B 230 -61.91 -7.85 13.00
CA ARG B 230 -62.42 -8.28 11.69
C ARG B 230 -63.69 -7.49 11.41
N LEU B 231 -63.70 -6.76 10.31
CA LEU B 231 -64.88 -6.01 9.89
C LEU B 231 -65.85 -6.98 9.22
N ILE B 232 -67.02 -7.20 9.82
CA ILE B 232 -67.98 -8.18 9.33
C ILE B 232 -69.12 -7.46 8.62
N SER B 233 -69.36 -6.20 8.98
CA SER B 233 -70.35 -5.36 8.31
C SER B 233 -69.84 -3.92 8.36
N PRO B 234 -70.39 -3.03 7.51
CA PRO B 234 -69.82 -1.67 7.43
C PRO B 234 -69.63 -0.94 8.77
N HIS B 235 -70.43 -1.26 9.79
CA HIS B 235 -70.34 -0.60 11.09
C HIS B 235 -70.02 -1.57 12.24
N GLU B 236 -69.74 -2.84 11.95
CA GLU B 236 -69.57 -3.87 12.97
C GLU B 236 -68.18 -4.49 12.90
N VAL B 237 -67.52 -4.60 14.05
CA VAL B 237 -66.18 -5.18 14.12
C VAL B 237 -66.20 -6.32 15.12
N GLN B 238 -65.80 -7.51 14.67
CA GLN B 238 -65.69 -8.66 15.55
C GLN B 238 -64.27 -8.73 16.11
N ILE B 239 -64.17 -8.92 17.43
CA ILE B 239 -62.91 -8.87 18.15
C ILE B 239 -62.70 -10.19 18.89
N THR B 240 -61.45 -10.64 18.95
CA THR B 240 -61.08 -11.85 19.67
C THR B 240 -59.90 -11.55 20.57
N ASP B 241 -60.08 -11.73 21.87
CA ASP B 241 -59.09 -11.30 22.85
C ASP B 241 -58.07 -12.42 23.10
N LYS B 242 -57.29 -12.32 24.17
CA LYS B 242 -56.21 -13.28 24.38
C LYS B 242 -56.68 -14.62 24.93
N ASN B 243 -57.94 -14.73 25.38
CA ASN B 243 -58.52 -16.01 25.76
C ASN B 243 -59.41 -16.59 24.67
N GLN B 244 -59.36 -16.03 23.45
CA GLN B 244 -60.26 -16.42 22.37
C GLN B 244 -61.72 -16.20 22.74
N LYS B 245 -62.00 -15.09 23.42
CA LYS B 245 -63.36 -14.64 23.63
C LYS B 245 -63.77 -13.71 22.49
N VAL B 246 -64.81 -14.11 21.75
CA VAL B 246 -65.34 -13.36 20.61
C VAL B 246 -66.44 -12.41 21.08
N SER B 247 -66.52 -11.24 20.43
CA SER B 247 -67.59 -10.30 20.69
C SER B 247 -67.65 -9.32 19.52
N THR B 248 -68.55 -8.35 19.62
CA THR B 248 -68.80 -7.42 18.54
C THR B 248 -69.01 -6.03 19.11
N ILE B 249 -68.24 -5.06 18.60
CA ILE B 249 -68.46 -3.65 18.90
C ILE B 249 -68.90 -2.95 17.62
N THR B 250 -69.41 -1.74 17.77
CA THR B 250 -69.90 -0.97 16.62
C THR B 250 -69.31 0.43 16.63
N GLY B 251 -69.04 0.94 15.44
CA GLY B 251 -68.52 2.29 15.30
C GLY B 251 -69.08 2.97 14.08
N ASN B 252 -69.12 4.31 14.14
CA ASN B 252 -69.57 5.10 13.02
C ASN B 252 -68.57 5.03 11.88
N LYS B 253 -67.39 5.62 12.07
CA LYS B 253 -66.33 5.58 11.08
C LYS B 253 -65.36 4.46 11.39
N ILE B 254 -64.85 3.83 10.34
CA ILE B 254 -63.87 2.75 10.48
C ILE B 254 -62.63 3.12 9.69
N ILE B 255 -61.45 2.91 10.29
CA ILE B 255 -60.17 3.09 9.61
C ILE B 255 -59.40 1.78 9.67
N LEU B 256 -59.02 1.26 8.50
CA LEU B 256 -58.14 0.10 8.42
C LEU B 256 -56.69 0.56 8.26
N ALA B 257 -55.82 0.01 9.11
CA ALA B 257 -54.40 0.38 9.14
C ALA B 257 -53.58 -0.79 9.67
N THR B 258 -53.76 -1.99 9.08
CA THR B 258 -53.19 -3.21 9.59
C THR B 258 -51.85 -3.60 8.95
N GLY B 259 -51.33 -2.81 7.99
CA GLY B 259 -49.96 -3.05 7.55
C GLY B 259 -49.73 -4.34 6.77
N GLU B 260 -48.48 -4.82 6.82
CA GLU B 260 -48.03 -5.96 6.04
C GLU B 260 -47.12 -6.84 6.91
N ARG B 261 -46.67 -7.96 6.36
CA ARG B 261 -45.74 -8.88 6.98
C ARG B 261 -44.81 -9.44 5.91
N PRO B 262 -43.66 -9.99 6.30
CA PRO B 262 -42.72 -10.51 5.29
C PRO B 262 -43.23 -11.78 4.60
N LYS B 263 -42.90 -11.90 3.32
CA LYS B 263 -43.13 -13.11 2.54
C LYS B 263 -41.97 -14.08 2.67
N TYR B 264 -42.26 -15.36 2.47
CA TYR B 264 -41.30 -16.43 2.30
C TYR B 264 -41.42 -17.02 0.90
N PRO B 265 -40.32 -17.35 0.25
CA PRO B 265 -40.42 -18.01 -1.04
C PRO B 265 -40.97 -19.42 -0.87
N GLU B 266 -41.62 -19.93 -1.92
CA GLU B 266 -42.27 -21.24 -1.87
C GLU B 266 -41.25 -22.33 -2.19
N ILE B 267 -40.41 -22.68 -1.20
CA ILE B 267 -39.36 -23.68 -1.38
C ILE B 267 -39.18 -24.50 -0.10
N PRO B 268 -38.70 -25.74 -0.18
CA PRO B 268 -38.57 -26.56 1.03
C PRO B 268 -37.58 -25.96 2.02
N GLY B 269 -37.98 -25.93 3.29
CA GLY B 269 -37.12 -25.55 4.39
C GLY B 269 -37.27 -24.10 4.83
N ALA B 270 -37.78 -23.21 3.98
CA ALA B 270 -37.68 -21.77 4.23
C ALA B 270 -38.40 -21.38 5.51
N VAL B 271 -39.70 -21.68 5.58
CA VAL B 271 -40.45 -21.38 6.79
C VAL B 271 -39.86 -22.09 8.00
N GLU B 272 -39.35 -23.31 7.80
CA GLU B 272 -38.91 -24.13 8.92
C GLU B 272 -37.60 -23.62 9.51
N TYR B 273 -36.63 -23.30 8.65
CA TYR B 273 -35.25 -23.11 9.10
C TYR B 273 -34.67 -21.71 8.87
N GLY B 274 -35.34 -20.86 8.09
CA GLY B 274 -34.93 -19.47 7.94
C GLY B 274 -35.67 -18.53 8.89
N ILE B 275 -35.26 -17.27 8.86
CA ILE B 275 -35.91 -16.21 9.62
C ILE B 275 -36.16 -15.01 8.69
N THR B 276 -36.83 -13.99 9.22
CA THR B 276 -37.00 -12.73 8.51
C THR B 276 -36.56 -11.56 9.40
N SER B 277 -36.78 -10.33 8.93
CA SER B 277 -36.50 -9.16 9.75
C SER B 277 -37.36 -9.13 11.01
N ASP B 278 -38.56 -9.73 10.96
CA ASP B 278 -39.42 -9.79 12.15
C ASP B 278 -38.68 -10.45 13.31
N ASP B 279 -37.83 -11.44 13.03
CA ASP B 279 -37.07 -12.12 14.07
C ASP B 279 -35.70 -11.52 14.32
N LEU B 280 -35.13 -10.79 13.35
CA LEU B 280 -33.72 -10.42 13.45
C LEU B 280 -33.49 -9.48 14.62
N PHE B 281 -34.39 -8.52 14.85
CA PHE B 281 -34.14 -7.43 15.77
C PHE B 281 -34.24 -7.81 17.25
N SER B 282 -34.72 -9.01 17.58
CA SER B 282 -34.69 -9.49 18.96
C SER B 282 -34.04 -10.86 19.08
N LEU B 283 -33.29 -11.28 18.06
CA LEU B 283 -32.64 -12.59 18.06
C LEU B 283 -31.74 -12.73 19.30
N PRO B 284 -31.85 -13.81 20.06
CA PRO B 284 -31.08 -13.91 21.29
C PRO B 284 -29.64 -14.36 21.07
N TYR B 285 -29.30 -14.93 19.92
CA TYR B 285 -27.93 -15.34 19.60
C TYR B 285 -27.40 -14.53 18.41
N PHE B 286 -26.08 -14.35 18.34
CA PHE B 286 -25.51 -13.73 17.14
C PHE B 286 -25.80 -14.63 15.94
N PRO B 287 -26.11 -14.07 14.77
CA PRO B 287 -26.40 -14.92 13.60
C PRO B 287 -25.23 -15.75 13.13
N GLY B 288 -23.98 -15.31 13.35
CA GLY B 288 -22.84 -15.99 12.76
C GLY B 288 -22.82 -15.82 11.25
N LYS B 289 -22.20 -16.78 10.56
CA LYS B 289 -22.17 -16.75 9.09
C LYS B 289 -23.58 -16.78 8.52
N THR B 290 -23.92 -15.76 7.76
CA THR B 290 -25.30 -15.46 7.38
C THR B 290 -25.44 -15.34 5.88
N LEU B 291 -26.55 -15.84 5.35
CA LEU B 291 -26.96 -15.61 3.98
C LEU B 291 -28.24 -14.78 3.99
N VAL B 292 -28.25 -13.69 3.22
CA VAL B 292 -29.45 -12.88 3.02
C VAL B 292 -29.94 -13.13 1.60
N ILE B 293 -31.22 -13.45 1.46
CA ILE B 293 -31.83 -13.70 0.17
C ILE B 293 -32.79 -12.56 -0.12
N GLY B 294 -32.52 -11.83 -1.20
CA GLY B 294 -33.25 -10.65 -1.60
C GLY B 294 -32.32 -9.51 -1.96
N ALA B 295 -32.92 -8.41 -2.42
CA ALA B 295 -32.11 -7.29 -2.89
C ALA B 295 -32.80 -5.94 -2.67
N SER B 296 -33.84 -5.88 -1.86
CA SER B 296 -34.52 -4.65 -1.48
C SER B 296 -33.68 -3.85 -0.49
N TYR B 297 -34.22 -2.71 -0.05
CA TYR B 297 -33.51 -1.93 0.95
C TYR B 297 -33.44 -2.67 2.30
N VAL B 298 -34.44 -3.48 2.64
CA VAL B 298 -34.34 -4.27 3.87
C VAL B 298 -33.14 -5.20 3.81
N ALA B 299 -32.99 -5.91 2.69
CA ALA B 299 -31.90 -6.86 2.53
C ALA B 299 -30.54 -6.19 2.60
N LEU B 300 -30.35 -5.08 1.86
CA LEU B 300 -29.05 -4.43 1.84
C LEU B 300 -28.75 -3.75 3.16
N GLU B 301 -29.77 -3.19 3.82
CA GLU B 301 -29.55 -2.52 5.10
C GLU B 301 -29.06 -3.50 6.16
N CYS B 302 -29.76 -4.64 6.29
CA CYS B 302 -29.39 -5.67 7.25
C CYS B 302 -28.02 -6.28 6.92
N ALA B 303 -27.79 -6.62 5.65
CA ALA B 303 -26.50 -7.19 5.28
C ALA B 303 -25.40 -6.20 5.57
N GLY B 304 -25.68 -4.90 5.37
CA GLY B 304 -24.77 -3.82 5.70
C GLY B 304 -24.27 -3.78 7.13
N PHE B 305 -25.18 -3.68 8.11
CA PHE B 305 -24.67 -3.60 9.48
C PHE B 305 -24.17 -4.95 10.02
N LEU B 306 -24.64 -6.09 9.50
CA LEU B 306 -24.06 -7.36 9.95
C LEU B 306 -22.59 -7.47 9.56
N ALA B 307 -22.25 -7.04 8.34
CA ALA B 307 -20.84 -7.01 7.95
C ALA B 307 -20.05 -6.04 8.83
N SER B 308 -20.62 -4.88 9.14
CA SER B 308 -19.90 -3.90 9.95
C SER B 308 -19.69 -4.38 11.37
N LEU B 309 -20.57 -5.23 11.88
CA LEU B 309 -20.40 -5.80 13.21
C LEU B 309 -19.46 -7.00 13.23
N GLY B 310 -18.81 -7.31 12.11
CA GLY B 310 -17.87 -8.40 12.05
C GLY B 310 -18.39 -9.68 11.48
N GLY B 311 -19.67 -9.76 11.10
CA GLY B 311 -20.20 -10.98 10.55
C GLY B 311 -19.67 -11.32 9.17
N ASP B 312 -19.82 -12.59 8.82
CA ASP B 312 -19.49 -13.15 7.51
C ASP B 312 -20.82 -13.21 6.75
N VAL B 313 -21.01 -12.28 5.81
CA VAL B 313 -22.30 -12.03 5.21
C VAL B 313 -22.22 -12.27 3.71
N THR B 314 -23.26 -12.91 3.16
CA THR B 314 -23.42 -13.08 1.72
C THR B 314 -24.84 -12.69 1.35
N VAL B 315 -24.99 -11.98 0.22
CA VAL B 315 -26.30 -11.60 -0.31
C VAL B 315 -26.54 -12.33 -1.64
N MET B 316 -27.73 -12.91 -1.80
CA MET B 316 -28.10 -13.66 -3.00
C MET B 316 -29.08 -12.83 -3.81
N VAL B 317 -28.66 -12.42 -5.01
CA VAL B 317 -29.41 -11.44 -5.80
C VAL B 317 -29.99 -12.15 -7.02
N ARG B 318 -31.31 -12.14 -7.15
CA ARG B 318 -31.97 -12.71 -8.32
C ARG B 318 -31.60 -11.95 -9.59
N SER B 319 -32.02 -10.68 -9.70
CA SER B 319 -31.69 -9.86 -10.87
C SER B 319 -30.84 -8.63 -10.49
N ILE B 320 -31.47 -7.57 -9.98
CA ILE B 320 -30.78 -6.31 -9.71
C ILE B 320 -30.94 -5.88 -8.24
N LEU B 321 -30.09 -4.93 -7.84
CA LEU B 321 -30.21 -4.27 -6.55
C LEU B 321 -31.24 -3.14 -6.62
N LEU B 322 -32.08 -3.06 -5.58
CA LEU B 322 -32.91 -1.86 -5.35
C LEU B 322 -33.80 -1.55 -6.55
N ARG B 323 -34.48 -2.58 -7.05
CA ARG B 323 -35.44 -2.40 -8.13
C ARG B 323 -36.42 -1.29 -7.77
N GLY B 324 -36.67 -0.40 -8.71
CA GLY B 324 -37.52 0.75 -8.50
C GLY B 324 -36.79 2.02 -8.13
N PHE B 325 -35.49 1.93 -7.81
CA PHE B 325 -34.65 3.08 -7.51
C PHE B 325 -33.70 3.35 -8.69
N ASP B 326 -33.14 4.56 -8.70
CA ASP B 326 -32.18 4.95 -9.74
C ASP B 326 -31.03 3.94 -9.78
N GLN B 327 -30.80 3.32 -10.95
CA GLN B 327 -29.93 2.15 -10.95
C GLN B 327 -28.44 2.53 -10.98
N GLN B 328 -28.08 3.72 -11.45
CA GLN B 328 -26.70 4.15 -11.26
C GLN B 328 -26.40 4.27 -9.77
N MET B 329 -27.32 4.92 -9.02
CA MET B 329 -27.17 5.04 -7.57
C MET B 329 -27.18 3.66 -6.88
N ALA B 330 -28.07 2.75 -7.31
CA ALA B 330 -28.10 1.41 -6.72
C ALA B 330 -26.78 0.69 -6.90
N GLU B 331 -26.20 0.77 -8.11
CA GLU B 331 -24.93 0.10 -8.37
C GLU B 331 -23.80 0.68 -7.51
N LYS B 332 -23.74 2.01 -7.41
CA LYS B 332 -22.73 2.64 -6.55
C LYS B 332 -22.88 2.19 -5.09
N VAL B 333 -24.12 2.10 -4.61
CA VAL B 333 -24.36 1.53 -3.28
C VAL B 333 -23.72 0.15 -3.17
N GLY B 334 -24.06 -0.76 -4.08
CA GLY B 334 -23.64 -2.14 -3.93
C GLY B 334 -22.15 -2.32 -4.11
N ASP B 335 -21.54 -1.51 -4.99
CA ASP B 335 -20.09 -1.58 -5.14
C ASP B 335 -19.37 -1.17 -3.86
N TYR B 336 -19.94 -0.21 -3.12
CA TYR B 336 -19.34 0.18 -1.83
C TYR B 336 -19.43 -0.97 -0.83
N MET B 337 -20.61 -1.61 -0.75
CA MET B 337 -20.76 -2.74 0.16
C MET B 337 -19.79 -3.86 -0.19
N GLU B 338 -19.65 -4.16 -1.49
CA GLU B 338 -18.75 -5.23 -1.90
C GLU B 338 -17.29 -4.90 -1.57
N ASN B 339 -16.92 -3.63 -1.58
CA ASN B 339 -15.54 -3.27 -1.27
C ASN B 339 -15.28 -3.24 0.21
N HIS B 340 -16.32 -3.23 1.05
CA HIS B 340 -16.12 -3.23 2.50
C HIS B 340 -16.69 -4.48 3.17
N GLY B 341 -16.63 -5.63 2.48
CA GLY B 341 -16.77 -6.92 3.14
C GLY B 341 -18.05 -7.68 2.95
N VAL B 342 -19.05 -7.14 2.25
CA VAL B 342 -20.25 -7.89 1.90
C VAL B 342 -19.96 -8.66 0.62
N LYS B 343 -20.28 -9.95 0.60
CA LYS B 343 -20.11 -10.77 -0.60
C LYS B 343 -21.45 -10.93 -1.31
N PHE B 344 -21.41 -10.92 -2.63
CA PHE B 344 -22.63 -11.07 -3.41
C PHE B 344 -22.53 -12.31 -4.29
N ALA B 345 -23.64 -13.05 -4.39
CA ALA B 345 -23.80 -14.15 -5.34
C ALA B 345 -24.84 -13.69 -6.36
N LYS B 346 -24.36 -13.24 -7.51
CA LYS B 346 -25.18 -12.52 -8.47
C LYS B 346 -25.92 -13.48 -9.38
N LEU B 347 -27.11 -13.06 -9.81
CA LEU B 347 -27.99 -13.82 -10.70
C LEU B 347 -28.15 -15.26 -10.20
N CYS B 348 -28.73 -15.39 -9.00
CA CYS B 348 -28.81 -16.65 -8.28
C CYS B 348 -30.09 -16.65 -7.47
N VAL B 349 -30.68 -17.84 -7.32
CA VAL B 349 -31.91 -18.04 -6.55
C VAL B 349 -31.77 -19.30 -5.71
N PRO B 350 -32.54 -19.39 -4.61
CA PRO B 350 -32.53 -20.61 -3.78
C PRO B 350 -33.53 -21.68 -4.20
N ASP B 351 -33.12 -22.94 -4.02
CA ASP B 351 -33.97 -24.09 -4.31
C ASP B 351 -34.48 -24.80 -3.07
N GLU B 352 -33.67 -24.92 -2.01
CA GLU B 352 -34.13 -25.53 -0.77
C GLU B 352 -33.13 -25.19 0.33
N ILE B 353 -33.61 -25.31 1.58
CA ILE B 353 -32.83 -25.10 2.79
C ILE B 353 -32.89 -26.38 3.59
N LYS B 354 -31.73 -26.97 3.88
CA LYS B 354 -31.67 -28.22 4.63
C LYS B 354 -31.09 -27.97 6.03
N GLN B 355 -31.70 -28.60 7.03
CA GLN B 355 -31.19 -28.46 8.39
C GLN B 355 -30.06 -29.46 8.64
N LEU B 356 -28.96 -28.98 9.21
CA LEU B 356 -27.86 -29.82 9.64
C LEU B 356 -27.69 -29.85 11.14
N LYS B 357 -28.02 -28.76 11.82
CA LYS B 357 -27.97 -28.62 13.27
C LYS B 357 -29.18 -27.82 13.71
N VAL B 358 -29.75 -28.21 14.82
CA VAL B 358 -30.89 -27.49 15.40
C VAL B 358 -30.35 -26.33 16.21
N VAL B 359 -31.15 -25.27 16.33
CA VAL B 359 -30.77 -24.13 17.16
C VAL B 359 -30.53 -24.60 18.58
N ASP B 360 -29.31 -24.40 19.08
CA ASP B 360 -28.95 -24.64 20.48
C ASP B 360 -29.56 -23.53 21.34
N THR B 361 -30.85 -23.71 21.66
CA THR B 361 -31.59 -22.72 22.42
C THR B 361 -31.15 -22.65 23.88
N GLU B 362 -30.40 -23.63 24.37
CA GLU B 362 -29.91 -23.57 25.74
C GLU B 362 -28.62 -22.76 25.83
N ASN B 363 -27.59 -23.15 25.07
CA ASN B 363 -26.28 -22.49 25.08
C ASN B 363 -26.24 -21.20 24.26
N ASN B 364 -27.36 -20.81 23.66
CA ASN B 364 -27.49 -19.55 22.94
C ASN B 364 -26.57 -19.50 21.71
N LYS B 365 -26.85 -20.40 20.78
CA LYS B 365 -26.06 -20.60 19.58
C LYS B 365 -27.00 -20.90 18.42
N PRO B 366 -26.65 -20.51 17.21
CA PRO B 366 -27.47 -20.84 16.05
C PRO B 366 -27.24 -22.29 15.61
N GLY B 367 -28.13 -22.77 14.77
CA GLY B 367 -27.98 -24.07 14.15
C GLY B 367 -26.95 -24.06 13.05
N LEU B 368 -27.16 -24.94 12.07
CA LEU B 368 -26.35 -24.92 10.87
C LEU B 368 -27.22 -25.43 9.73
N LEU B 369 -27.09 -24.83 8.57
CA LEU B 369 -28.00 -25.06 7.45
C LEU B 369 -27.21 -25.23 6.17
N LEU B 370 -27.75 -26.03 5.26
CA LEU B 370 -27.20 -26.16 3.92
C LEU B 370 -28.18 -25.58 2.92
N VAL B 371 -27.72 -24.61 2.13
CA VAL B 371 -28.54 -23.91 1.16
C VAL B 371 -28.13 -24.38 -0.22
N LYS B 372 -29.11 -24.77 -1.02
CA LYS B 372 -28.88 -25.25 -2.37
C LYS B 372 -29.65 -24.35 -3.32
N GLY B 373 -28.99 -23.93 -4.40
CA GLY B 373 -29.65 -23.14 -5.41
C GLY B 373 -28.85 -23.21 -6.68
N HIS B 374 -29.29 -22.44 -7.67
CA HIS B 374 -28.65 -22.44 -8.97
C HIS B 374 -28.54 -21.01 -9.51
N TYR B 375 -27.50 -20.79 -10.31
CA TYR B 375 -27.30 -19.54 -11.02
C TYR B 375 -28.16 -19.52 -12.30
N THR B 376 -28.22 -18.33 -12.91
CA THR B 376 -29.13 -18.09 -14.02
C THR B 376 -28.71 -18.83 -15.28
N ASP B 377 -27.41 -19.04 -15.47
CA ASP B 377 -26.95 -19.78 -16.64
C ASP B 377 -27.32 -21.26 -16.53
N GLY B 378 -27.34 -21.79 -15.30
CA GLY B 378 -27.60 -23.18 -15.02
C GLY B 378 -26.66 -23.75 -13.98
N LYS B 379 -25.52 -23.06 -13.74
CA LYS B 379 -24.57 -23.50 -12.73
C LYS B 379 -25.21 -23.57 -11.35
N LYS B 380 -24.66 -24.42 -10.49
CA LYS B 380 -25.29 -24.73 -9.21
C LYS B 380 -24.66 -23.96 -8.06
N PHE B 381 -25.44 -23.75 -7.00
CA PHE B 381 -24.99 -23.10 -5.77
C PHE B 381 -25.18 -24.05 -4.59
N GLU B 382 -24.17 -24.15 -3.73
CA GLU B 382 -24.33 -25.00 -2.54
C GLU B 382 -23.33 -24.57 -1.48
N GLU B 383 -23.83 -24.07 -0.35
CA GLU B 383 -22.97 -23.58 0.71
C GLU B 383 -23.71 -23.68 2.03
N GLU B 384 -22.95 -23.77 3.12
CA GLU B 384 -23.50 -23.84 4.47
C GLU B 384 -23.46 -22.47 5.14
N PHE B 385 -24.49 -22.18 5.94
CA PHE B 385 -24.60 -20.95 6.72
C PHE B 385 -25.23 -21.28 8.07
N GLU B 386 -24.94 -20.43 9.06
CA GLU B 386 -25.56 -20.61 10.36
C GLU B 386 -26.96 -20.01 10.43
N THR B 387 -27.24 -18.97 9.64
CA THR B 387 -28.51 -18.25 9.64
C THR B 387 -28.85 -17.86 8.22
N VAL B 388 -30.13 -17.94 7.86
CA VAL B 388 -30.62 -17.55 6.55
C VAL B 388 -31.79 -16.60 6.74
N ILE B 389 -31.66 -15.39 6.21
CA ILE B 389 -32.65 -14.33 6.35
C ILE B 389 -33.30 -14.10 4.98
N PHE B 390 -34.62 -14.10 4.93
CA PHE B 390 -35.35 -13.80 3.69
C PHE B 390 -35.86 -12.37 3.71
N ALA B 391 -35.51 -11.60 2.71
CA ALA B 391 -36.10 -10.28 2.50
C ALA B 391 -36.56 -10.25 1.04
N VAL B 392 -37.67 -10.93 0.75
CA VAL B 392 -38.15 -11.02 -0.62
C VAL B 392 -39.51 -10.36 -0.73
N GLY B 393 -39.75 -9.35 0.10
CA GLY B 393 -40.93 -8.52 -0.06
C GLY B 393 -41.91 -8.74 1.09
N ARG B 394 -42.91 -7.87 1.09
CA ARG B 394 -43.92 -7.84 2.13
C ARG B 394 -45.29 -7.71 1.47
N GLU B 395 -46.31 -8.28 2.11
CA GLU B 395 -47.67 -8.29 1.59
C GLU B 395 -48.67 -8.12 2.73
N PRO B 396 -49.85 -7.58 2.45
CA PRO B 396 -50.93 -7.61 3.42
C PRO B 396 -51.72 -8.90 3.25
N GLN B 397 -52.59 -9.16 4.22
CA GLN B 397 -53.45 -10.32 4.12
C GLN B 397 -54.80 -9.90 4.71
N LEU B 398 -55.58 -9.19 3.91
CA LEU B 398 -56.83 -8.60 4.37
C LEU B 398 -57.94 -9.65 4.54
N SER B 399 -57.75 -10.88 4.06
CA SER B 399 -58.68 -11.95 4.36
C SER B 399 -58.78 -12.18 5.87
N LYS B 400 -57.68 -11.97 6.61
CA LYS B 400 -57.73 -12.04 8.07
C LYS B 400 -58.54 -10.90 8.67
N VAL B 401 -58.62 -9.77 7.97
CA VAL B 401 -59.08 -8.51 8.54
C VAL B 401 -60.50 -8.20 8.09
N LEU B 402 -60.86 -8.66 6.90
CA LEU B 402 -61.95 -8.05 6.13
C LEU B 402 -62.83 -9.13 5.50
N CYS B 403 -64.11 -9.15 5.86
CA CYS B 403 -65.04 -10.07 5.23
C CYS B 403 -65.42 -9.57 3.84
N GLU B 404 -65.26 -10.46 2.85
CA GLU B 404 -65.49 -10.11 1.46
C GLU B 404 -66.91 -9.63 1.21
N THR B 405 -67.86 -9.95 2.10
CA THR B 405 -69.24 -9.56 1.88
C THR B 405 -69.48 -8.08 2.17
N VAL B 406 -68.66 -7.48 3.05
CA VAL B 406 -68.79 -6.05 3.35
C VAL B 406 -68.67 -5.22 2.09
N GLY B 407 -67.84 -5.65 1.15
CA GLY B 407 -67.76 -5.01 -0.14
C GLY B 407 -66.69 -3.96 -0.28
N VAL B 408 -65.51 -4.16 0.29
CA VAL B 408 -64.39 -3.23 0.11
C VAL B 408 -63.54 -3.74 -1.03
N LYS B 409 -63.38 -2.93 -2.09
CA LYS B 409 -62.64 -3.35 -3.26
C LYS B 409 -61.13 -3.38 -2.99
N LEU B 410 -60.49 -4.50 -3.37
CA LEU B 410 -59.06 -4.65 -3.34
C LEU B 410 -58.50 -4.73 -4.77
N ASP B 411 -57.22 -4.43 -4.92
CA ASP B 411 -56.59 -4.57 -6.22
C ASP B 411 -56.01 -5.99 -6.35
N LYS B 412 -55.28 -6.24 -7.44
CA LYS B 412 -54.73 -7.58 -7.69
C LYS B 412 -53.62 -7.96 -6.71
N ASN B 413 -52.99 -6.97 -6.06
CA ASN B 413 -52.00 -7.24 -5.01
C ASN B 413 -52.65 -7.58 -3.67
N GLY B 414 -53.93 -7.26 -3.49
CA GLY B 414 -54.55 -7.35 -2.19
C GLY B 414 -54.56 -6.05 -1.41
N ARG B 415 -54.22 -4.93 -2.03
CA ARG B 415 -54.22 -3.66 -1.34
C ARG B 415 -55.55 -2.95 -1.60
N VAL B 416 -55.88 -1.99 -0.72
CA VAL B 416 -57.21 -1.37 -0.71
C VAL B 416 -57.25 -0.22 -1.69
N VAL B 417 -58.24 -0.25 -2.59
CA VAL B 417 -58.41 0.82 -3.57
C VAL B 417 -59.18 1.96 -2.91
N CYS B 418 -58.60 3.16 -2.92
CA CYS B 418 -59.14 4.30 -2.19
C CYS B 418 -59.20 5.52 -3.10
N THR B 419 -60.06 6.47 -2.72
CA THR B 419 -60.02 7.77 -3.37
C THR B 419 -58.87 8.61 -2.80
N ASP B 420 -58.75 9.85 -3.30
CA ASP B 420 -57.66 10.74 -2.89
C ASP B 420 -57.85 11.30 -1.48
N ASP B 421 -58.97 10.99 -0.83
CA ASP B 421 -59.18 11.34 0.55
C ASP B 421 -59.27 10.10 1.44
N GLU B 422 -58.76 8.96 0.96
CA GLU B 422 -58.62 7.70 1.69
C GLU B 422 -59.93 6.89 1.84
N GLN B 423 -61.04 7.32 1.24
CA GLN B 423 -62.31 6.56 1.33
C GLN B 423 -62.26 5.26 0.53
N THR B 424 -62.75 4.16 1.12
CA THR B 424 -62.91 2.90 0.40
C THR B 424 -64.21 2.93 -0.42
N THR B 425 -64.57 1.78 -1.03
CA THR B 425 -65.83 1.67 -1.77
C THR B 425 -67.06 1.65 -0.85
N VAL B 426 -66.89 1.35 0.43
CA VAL B 426 -67.93 1.51 1.44
C VAL B 426 -67.73 2.86 2.10
N SER B 427 -68.80 3.65 2.21
CA SER B 427 -68.64 5.09 2.41
C SER B 427 -68.13 5.48 3.80
N ASN B 428 -68.30 4.64 4.83
CA ASN B 428 -67.85 5.00 6.16
C ASN B 428 -66.51 4.36 6.52
N VAL B 429 -65.87 3.68 5.57
CA VAL B 429 -64.66 2.91 5.81
C VAL B 429 -63.52 3.56 5.02
N TYR B 430 -62.39 3.80 5.70
CA TYR B 430 -61.19 4.37 5.08
C TYR B 430 -60.01 3.45 5.33
N ALA B 431 -58.97 3.59 4.50
CA ALA B 431 -57.71 2.86 4.67
C ALA B 431 -56.52 3.82 4.62
N ILE B 432 -55.49 3.55 5.43
CA ILE B 432 -54.29 4.38 5.48
C ILE B 432 -53.06 3.49 5.60
N GLY B 433 -51.90 4.05 5.24
CA GLY B 433 -50.66 3.32 5.44
C GLY B 433 -50.28 2.36 4.32
N ASP B 434 -49.53 1.32 4.70
CA ASP B 434 -49.00 0.39 3.70
C ASP B 434 -50.10 -0.32 2.91
N ILE B 435 -51.32 -0.45 3.45
CA ILE B 435 -52.36 -1.18 2.73
C ILE B 435 -53.14 -0.30 1.75
N ASN B 436 -52.86 0.99 1.71
CA ASN B 436 -53.50 1.88 0.73
C ASN B 436 -52.80 1.68 -0.61
N ALA B 437 -53.55 1.24 -1.63
CA ALA B 437 -52.96 0.86 -2.92
C ALA B 437 -52.25 2.03 -3.59
N GLY B 438 -51.07 1.77 -4.16
CA GLY B 438 -50.32 2.76 -4.91
C GLY B 438 -49.65 3.87 -4.11
N LYS B 439 -49.76 3.88 -2.81
CA LYS B 439 -49.15 4.97 -2.06
C LYS B 439 -47.76 4.57 -1.59
N PRO B 440 -46.88 5.54 -1.33
CA PRO B 440 -45.55 5.19 -0.83
C PRO B 440 -45.65 4.55 0.55
N GLN B 441 -44.95 3.44 0.73
CA GLN B 441 -45.05 2.66 1.96
C GLN B 441 -44.00 3.15 2.97
N LEU B 442 -44.30 4.28 3.62
CA LEU B 442 -43.32 4.94 4.51
C LEU B 442 -44.02 5.40 5.79
N THR B 443 -43.29 5.40 6.91
CA THR B 443 -43.92 5.72 8.18
C THR B 443 -44.39 7.17 8.30
N PRO B 444 -43.61 8.18 7.90
CA PRO B 444 -44.16 9.55 7.96
C PRO B 444 -45.36 9.74 7.05
N VAL B 445 -45.47 8.95 5.97
CA VAL B 445 -46.63 9.06 5.09
C VAL B 445 -47.88 8.56 5.80
N ALA B 446 -47.80 7.38 6.41
CA ALA B 446 -48.90 6.87 7.22
C ALA B 446 -49.33 7.86 8.31
N ILE B 447 -48.36 8.50 8.99
CA ILE B 447 -48.70 9.39 10.10
C ILE B 447 -49.45 10.62 9.59
N GLN B 448 -48.96 11.23 8.51
CA GLN B 448 -49.63 12.39 7.95
C GLN B 448 -51.02 12.03 7.42
N ALA B 449 -51.11 10.92 6.68
CA ALA B 449 -52.39 10.48 6.16
C ALA B 449 -53.43 10.35 7.27
N GLY B 450 -53.06 9.67 8.35
CA GLY B 450 -54.01 9.42 9.42
C GLY B 450 -54.33 10.65 10.24
N ARG B 451 -53.36 11.57 10.40
CA ARG B 451 -53.69 12.79 11.13
C ARG B 451 -54.59 13.69 10.28
N TYR B 452 -54.35 13.78 8.98
CA TYR B 452 -55.16 14.67 8.16
C TYR B 452 -56.59 14.14 8.01
N LEU B 453 -56.76 12.81 7.95
CA LEU B 453 -58.09 12.22 7.86
C LEU B 453 -58.90 12.50 9.13
N ALA B 454 -58.28 12.31 10.30
CA ALA B 454 -58.96 12.61 11.56
C ALA B 454 -59.47 14.03 11.61
N ARG B 455 -58.75 14.97 11.02
CA ARG B 455 -59.23 16.35 11.06
C ARG B 455 -60.40 16.56 10.11
N ARG B 456 -60.41 15.84 8.98
CA ARG B 456 -61.52 15.98 8.04
C ARG B 456 -62.78 15.34 8.59
N LEU B 457 -62.66 14.22 9.30
CA LEU B 457 -63.85 13.55 9.82
C LEU B 457 -64.48 14.32 10.97
N PHE B 458 -63.68 14.91 11.86
CA PHE B 458 -64.20 15.37 13.13
C PHE B 458 -63.98 16.84 13.44
N ALA B 459 -63.23 17.58 12.63
CA ALA B 459 -63.04 19.01 12.87
C ALA B 459 -63.29 19.84 11.61
N GLY B 460 -63.96 19.25 10.61
CA GLY B 460 -64.31 19.99 9.41
C GLY B 460 -63.14 20.49 8.60
N ALA B 461 -61.99 19.82 8.70
CA ALA B 461 -60.88 20.24 7.87
C ALA B 461 -61.10 19.80 6.43
N THR B 462 -60.35 20.43 5.51
CA THR B 462 -60.40 20.09 4.10
C THR B 462 -59.07 19.61 3.53
N GLU B 463 -57.96 19.82 4.24
CA GLU B 463 -56.65 19.53 3.71
C GLU B 463 -56.48 18.04 3.40
N LEU B 464 -55.92 17.75 2.23
CA LEU B 464 -55.58 16.40 1.81
C LEU B 464 -54.08 16.16 1.94
N THR B 465 -53.71 14.87 2.02
CA THR B 465 -52.32 14.46 2.04
C THR B 465 -51.74 14.50 0.62
N ASP B 466 -50.58 15.14 0.47
CA ASP B 466 -49.87 15.17 -0.82
C ASP B 466 -48.91 14.01 -0.86
N TYR B 467 -49.10 13.09 -1.81
CA TYR B 467 -48.30 11.87 -1.88
C TYR B 467 -47.18 11.92 -2.91
N SER B 468 -46.95 13.07 -3.56
CA SER B 468 -45.95 13.21 -4.62
C SER B 468 -44.60 13.67 -4.07
N ASN B 469 -43.54 13.25 -4.75
CA ASN B 469 -42.17 13.71 -4.48
C ASN B 469 -41.76 13.52 -3.01
N VAL B 470 -42.18 12.41 -2.38
CA VAL B 470 -41.82 12.12 -1.00
C VAL B 470 -40.39 11.57 -0.97
N ALA B 471 -39.53 12.18 -0.16
CA ALA B 471 -38.12 11.85 -0.10
C ALA B 471 -37.90 10.56 0.69
N THR B 472 -36.80 9.87 0.37
CA THR B 472 -36.43 8.57 0.94
C THR B 472 -34.97 8.58 1.38
N THR B 473 -34.60 7.66 2.25
CA THR B 473 -33.19 7.40 2.50
C THR B 473 -32.98 5.92 2.78
N VAL B 474 -32.06 5.32 2.04
CA VAL B 474 -31.64 3.94 2.24
C VAL B 474 -30.40 3.94 3.12
N PHE B 475 -30.47 3.29 4.29
CA PHE B 475 -29.45 3.41 5.34
C PHE B 475 -28.41 2.28 5.28
N THR B 476 -27.84 2.09 4.09
CA THR B 476 -26.71 1.19 3.86
C THR B 476 -25.41 1.80 4.41
N PRO B 477 -24.32 1.01 4.50
CA PRO B 477 -23.10 1.53 5.13
C PRO B 477 -22.68 2.90 4.62
N LEU B 478 -22.77 3.14 3.30
CA LEU B 478 -22.82 4.49 2.74
C LEU B 478 -24.26 4.80 2.37
N GLU B 479 -24.85 5.80 3.01
CA GLU B 479 -26.28 6.06 2.87
C GLU B 479 -26.63 6.74 1.55
N TYR B 480 -27.88 6.56 1.12
CA TYR B 480 -28.33 7.02 -0.18
C TYR B 480 -29.69 7.68 -0.02
N GLY B 481 -29.72 9.01 -0.15
CA GLY B 481 -30.95 9.77 -0.06
C GLY B 481 -31.40 10.20 -1.44
N ALA B 482 -32.72 10.35 -1.61
CA ALA B 482 -33.28 10.72 -2.91
C ALA B 482 -34.60 11.45 -2.74
N CYS B 483 -34.88 12.40 -3.64
CA CYS B 483 -36.21 13.02 -3.71
C CYS B 483 -36.57 13.24 -5.17
N GLY B 484 -37.70 12.69 -5.62
CA GLY B 484 -38.17 12.88 -6.99
C GLY B 484 -37.88 11.69 -7.90
N LEU B 485 -37.79 12.00 -9.20
CA LEU B 485 -37.65 10.97 -10.23
C LEU B 485 -36.24 10.41 -10.31
N SER B 486 -36.13 9.12 -10.58
CA SER B 486 -34.85 8.56 -11.02
C SER B 486 -34.49 9.10 -12.42
N GLU B 487 -33.21 8.96 -12.78
CA GLU B 487 -32.76 9.48 -14.07
C GLU B 487 -33.42 8.76 -15.24
N GLU B 488 -33.49 7.42 -15.19
CA GLU B 488 -34.13 6.67 -16.28
C GLU B 488 -35.61 7.02 -16.38
N ASP B 489 -36.27 7.27 -15.24
CA ASP B 489 -37.68 7.63 -15.27
C ASP B 489 -37.91 9.01 -15.91
N ALA B 490 -37.01 9.97 -15.65
CA ALA B 490 -37.14 11.28 -16.29
C ALA B 490 -36.88 11.17 -17.79
N ILE B 491 -35.81 10.46 -18.18
CA ILE B 491 -35.52 10.30 -19.59
C ILE B 491 -36.70 9.65 -20.31
N GLU B 492 -37.31 8.64 -19.69
CA GLU B 492 -38.44 7.97 -20.35
C GLU B 492 -39.63 8.89 -20.49
N LYS B 493 -39.98 9.64 -19.45
CA LYS B 493 -41.17 10.49 -19.51
C LYS B 493 -41.01 11.70 -20.44
N TYR B 494 -39.79 12.27 -20.56
CA TYR B 494 -39.60 13.49 -21.33
C TYR B 494 -38.66 13.38 -22.54
N GLY B 495 -37.95 12.27 -22.69
CA GLY B 495 -37.02 12.15 -23.79
C GLY B 495 -35.64 12.68 -23.46
N ASP B 496 -34.61 11.99 -23.97
CA ASP B 496 -33.24 12.22 -23.52
C ASP B 496 -32.74 13.63 -23.86
N LYS B 497 -33.31 14.26 -24.89
CA LYS B 497 -32.83 15.57 -25.28
C LYS B 497 -33.40 16.69 -24.42
N ASP B 498 -34.50 16.44 -23.70
CA ASP B 498 -35.11 17.40 -22.79
C ASP B 498 -34.62 17.23 -21.34
N ILE B 499 -33.59 16.43 -21.12
CA ILE B 499 -33.07 16.13 -19.78
C ILE B 499 -31.61 16.58 -19.74
N GLU B 500 -31.26 17.39 -18.73
CA GLU B 500 -29.89 17.72 -18.39
C GLU B 500 -29.58 17.16 -17.00
N VAL B 501 -28.36 16.66 -16.78
CA VAL B 501 -27.99 16.08 -15.50
C VAL B 501 -26.68 16.70 -15.02
N TYR B 502 -26.73 17.38 -13.87
CA TYR B 502 -25.54 17.92 -13.23
C TYR B 502 -25.11 16.96 -12.14
N HIS B 503 -23.82 16.66 -12.07
CA HIS B 503 -23.33 15.69 -11.10
C HIS B 503 -21.91 16.04 -10.69
N SER B 504 -21.44 15.39 -9.62
CA SER B 504 -20.10 15.62 -9.10
C SER B 504 -19.80 14.61 -7.99
N ASN B 505 -18.57 14.09 -7.96
CA ASN B 505 -18.11 13.37 -6.79
C ASN B 505 -17.75 14.34 -5.67
N PHE B 506 -17.64 13.81 -4.45
CA PHE B 506 -17.09 14.62 -3.37
C PHE B 506 -16.48 13.73 -2.31
N LYS B 507 -15.71 14.37 -1.43
CA LYS B 507 -15.03 13.73 -0.32
C LYS B 507 -15.35 14.51 0.95
N PRO B 508 -16.01 13.91 1.94
CA PRO B 508 -16.22 14.61 3.22
C PRO B 508 -14.89 15.06 3.79
N LEU B 509 -14.86 16.27 4.36
CA LEU B 509 -13.66 16.78 5.03
C LEU B 509 -13.15 15.80 6.09
N GLU B 510 -14.08 15.18 6.83
CA GLU B 510 -13.77 14.20 7.87
C GLU B 510 -13.00 12.98 7.34
N TRP B 511 -13.15 12.66 6.05
CA TRP B 511 -12.45 11.52 5.48
C TRP B 511 -11.02 11.84 5.09
N THR B 512 -10.61 13.10 5.12
CA THR B 512 -9.26 13.43 4.66
C THR B 512 -8.21 12.85 5.61
N VAL B 513 -8.25 13.26 6.88
CA VAL B 513 -7.28 12.80 7.87
C VAL B 513 -7.41 11.31 8.15
N ALA B 514 -8.59 10.72 7.93
CA ALA B 514 -8.79 9.29 8.15
C ALA B 514 -8.41 8.42 6.95
N HIS B 515 -7.85 9.00 5.89
CA HIS B 515 -7.38 8.26 4.71
C HIS B 515 -8.47 7.35 4.13
N ARG B 516 -9.67 7.90 3.94
CA ARG B 516 -10.75 7.21 3.25
C ARG B 516 -10.78 7.66 1.77
N GLU B 517 -11.68 7.08 1.00
CA GLU B 517 -11.60 7.13 -0.46
C GLU B 517 -11.93 8.52 -1.00
N ASP B 518 -11.31 8.87 -2.14
CA ASP B 518 -11.42 10.20 -2.72
C ASP B 518 -12.71 10.38 -3.54
N ASN B 519 -13.10 9.36 -4.31
CA ASN B 519 -14.09 9.58 -5.35
C ASN B 519 -15.18 8.54 -5.30
N VAL B 520 -15.78 8.37 -4.12
CA VAL B 520 -16.84 7.40 -3.90
C VAL B 520 -18.18 8.08 -3.62
N CYS B 521 -18.19 9.10 -2.76
CA CYS B 521 -19.41 9.88 -2.59
C CYS B 521 -19.75 10.62 -3.88
N TYR B 522 -21.05 10.82 -4.12
CA TYR B 522 -21.50 11.25 -5.44
C TYR B 522 -22.87 11.89 -5.32
N MET B 523 -23.16 12.88 -6.17
CA MET B 523 -24.50 13.46 -6.12
C MET B 523 -24.88 13.98 -7.51
N LYS B 524 -26.18 14.13 -7.74
CA LYS B 524 -26.62 14.58 -9.05
C LYS B 524 -27.98 15.26 -8.99
N LEU B 525 -28.18 16.21 -9.91
CA LEU B 525 -29.48 16.87 -10.13
C LEU B 525 -29.97 16.50 -11.53
N VAL B 526 -31.17 15.92 -11.60
CA VAL B 526 -31.80 15.57 -12.87
C VAL B 526 -32.82 16.65 -13.20
N CYS B 527 -32.60 17.38 -14.30
CA CYS B 527 -33.39 18.59 -14.62
C CYS B 527 -34.01 18.53 -16.01
N ARG B 528 -35.14 19.23 -16.18
CA ARG B 528 -35.85 19.32 -17.46
C ARG B 528 -35.55 20.64 -18.16
N LYS B 529 -34.95 20.55 -19.36
CA LYS B 529 -34.53 21.77 -20.08
C LYS B 529 -35.72 22.66 -20.43
N SER B 530 -36.77 22.10 -21.01
CA SER B 530 -37.85 22.92 -21.55
C SER B 530 -38.73 23.54 -20.48
N ASP B 531 -38.48 23.28 -19.20
CA ASP B 531 -39.28 23.85 -18.10
C ASP B 531 -38.37 24.58 -17.12
N ASN B 532 -37.54 25.48 -17.63
CA ASN B 532 -36.70 26.35 -16.81
C ASN B 532 -35.69 25.56 -15.98
N MET B 533 -35.26 24.40 -16.50
CA MET B 533 -34.27 23.56 -15.82
C MET B 533 -34.77 23.13 -14.43
N ARG B 534 -36.10 22.95 -14.32
CA ARG B 534 -36.74 22.42 -13.12
C ARG B 534 -36.00 21.18 -12.61
N VAL B 535 -35.81 21.10 -11.29
CA VAL B 535 -35.17 19.92 -10.70
C VAL B 535 -36.21 18.79 -10.64
N LEU B 536 -36.06 17.76 -11.47
CA LEU B 536 -37.00 16.64 -11.38
C LEU B 536 -36.61 15.63 -10.31
N GLY B 537 -35.32 15.45 -10.04
CA GLY B 537 -34.90 14.52 -9.01
C GLY B 537 -33.55 14.85 -8.43
N LEU B 538 -33.39 14.65 -7.13
CA LEU B 538 -32.14 14.87 -6.42
C LEU B 538 -31.66 13.53 -5.85
N HIS B 539 -30.35 13.29 -5.93
CA HIS B 539 -29.75 12.01 -5.54
C HIS B 539 -28.41 12.30 -4.85
N VAL B 540 -28.17 11.68 -3.69
CA VAL B 540 -26.89 11.87 -2.98
C VAL B 540 -26.47 10.58 -2.30
N LEU B 541 -25.22 10.16 -2.52
CA LEU B 541 -24.64 9.03 -1.82
C LEU B 541 -23.51 9.54 -0.93
N GLY B 542 -23.61 9.31 0.37
CA GLY B 542 -22.64 9.85 1.30
C GLY B 542 -23.13 9.73 2.73
N PRO B 543 -22.26 10.12 3.67
CA PRO B 543 -22.66 10.07 5.09
C PRO B 543 -23.77 11.07 5.39
N ASN B 544 -24.65 10.70 6.34
CA ASN B 544 -25.72 11.58 6.82
C ASN B 544 -26.69 11.96 5.69
N ALA B 545 -26.95 11.03 4.76
CA ALA B 545 -27.68 11.39 3.55
C ALA B 545 -29.13 11.78 3.84
N GLY B 546 -29.71 11.26 4.92
CA GLY B 546 -31.07 11.67 5.26
C GLY B 546 -31.12 13.11 5.75
N GLU B 547 -30.15 13.52 6.56
CA GLU B 547 -30.10 14.92 6.99
C GLU B 547 -29.80 15.84 5.81
N ILE B 548 -28.99 15.39 4.86
CA ILE B 548 -28.70 16.21 3.69
C ILE B 548 -29.96 16.44 2.86
N THR B 549 -30.65 15.36 2.51
CA THR B 549 -31.76 15.42 1.56
C THR B 549 -32.97 16.16 2.12
N GLN B 550 -33.27 16.01 3.42
CA GLN B 550 -34.59 16.41 3.92
C GLN B 550 -34.96 17.84 3.55
N GLY B 551 -34.09 18.79 3.89
CA GLY B 551 -34.38 20.18 3.59
C GLY B 551 -34.67 20.45 2.13
N TYR B 552 -33.97 19.76 1.22
CA TYR B 552 -34.23 20.00 -0.21
C TYR B 552 -35.62 19.51 -0.64
N ALA B 553 -36.23 18.56 0.09
CA ALA B 553 -37.59 18.16 -0.26
C ALA B 553 -38.56 19.35 -0.21
N VAL B 554 -38.34 20.31 0.69
CA VAL B 554 -39.22 21.48 0.73
C VAL B 554 -39.06 22.30 -0.55
N ALA B 555 -37.82 22.54 -0.95
CA ALA B 555 -37.57 23.30 -2.18
C ALA B 555 -38.20 22.59 -3.38
N ILE B 556 -38.02 21.26 -3.48
CA ILE B 556 -38.57 20.52 -4.60
C ILE B 556 -40.09 20.56 -4.59
N LYS B 557 -40.69 20.54 -3.39
CA LYS B 557 -42.14 20.69 -3.30
C LYS B 557 -42.60 22.02 -3.89
N MET B 558 -41.73 23.03 -3.86
CA MET B 558 -42.06 24.39 -4.24
C MET B 558 -41.70 24.71 -5.70
N GLY B 559 -41.16 23.74 -6.44
CA GLY B 559 -40.82 23.94 -7.85
C GLY B 559 -39.42 24.46 -8.11
N ALA B 560 -38.45 24.03 -7.31
CA ALA B 560 -37.10 24.55 -7.45
C ALA B 560 -36.49 24.23 -8.82
N THR B 561 -35.77 25.20 -9.37
CA THR B 561 -35.01 25.08 -10.60
C THR B 561 -33.52 25.10 -10.29
N LYS B 562 -32.70 24.80 -11.30
CA LYS B 562 -31.25 24.84 -11.12
C LYS B 562 -30.78 26.23 -10.69
N ALA B 563 -31.43 27.29 -11.18
CA ALA B 563 -30.99 28.62 -10.80
C ALA B 563 -31.31 28.93 -9.35
N ASP B 564 -32.42 28.38 -8.84
CA ASP B 564 -32.69 28.48 -7.41
C ASP B 564 -31.56 27.85 -6.58
N PHE B 565 -31.00 26.70 -7.02
CA PHE B 565 -29.84 26.12 -6.32
C PHE B 565 -28.61 27.01 -6.49
N ASP B 566 -28.38 27.53 -7.69
CA ASP B 566 -27.19 28.34 -7.98
C ASP B 566 -27.13 29.59 -7.10
N ARG B 567 -28.23 30.33 -7.04
CA ARG B 567 -28.26 31.58 -6.30
C ARG B 567 -28.29 31.41 -4.78
N THR B 568 -28.42 30.17 -4.26
CA THR B 568 -28.28 29.93 -2.83
C THR B 568 -26.81 29.66 -2.51
N ILE B 569 -26.35 30.21 -1.38
CA ILE B 569 -24.96 30.13 -0.95
C ILE B 569 -24.74 28.91 -0.06
N GLY B 570 -23.58 28.29 -0.16
CA GLY B 570 -23.29 27.13 0.66
C GLY B 570 -22.94 27.45 2.10
N ILE B 571 -23.12 26.44 2.95
CA ILE B 571 -22.58 26.40 4.30
C ILE B 571 -21.29 25.61 4.27
N HIS B 572 -20.18 26.24 4.69
CA HIS B 572 -18.85 25.63 4.62
C HIS B 572 -18.30 25.38 6.02
N PRO B 573 -17.65 24.21 6.27
CA PRO B 573 -17.49 23.05 5.40
C PRO B 573 -18.56 22.00 5.68
N THR B 574 -19.37 21.63 4.68
CA THR B 574 -20.33 20.54 4.80
C THR B 574 -20.28 19.72 3.52
N CYS B 575 -20.85 18.50 3.59
CA CYS B 575 -21.08 17.76 2.36
C CYS B 575 -22.19 18.40 1.55
N SER B 576 -23.27 18.84 2.21
CA SER B 576 -24.44 19.28 1.46
C SER B 576 -24.15 20.46 0.55
N GLU B 577 -23.17 21.31 0.90
CA GLU B 577 -22.92 22.52 0.10
C GLU B 577 -22.55 22.21 -1.34
N THR B 578 -22.10 20.99 -1.63
CA THR B 578 -21.73 20.63 -2.99
C THR B 578 -22.89 20.81 -3.97
N PHE B 579 -24.13 20.76 -3.49
CA PHE B 579 -25.30 20.97 -4.34
C PHE B 579 -25.43 22.42 -4.82
N THR B 580 -24.85 23.39 -4.11
CA THR B 580 -25.02 24.78 -4.51
C THR B 580 -24.05 25.23 -5.61
N THR B 581 -23.08 24.40 -6.00
CA THR B 581 -22.10 24.80 -7.02
C THR B 581 -21.95 23.78 -8.16
N LEU B 582 -22.93 22.92 -8.39
CA LEU B 582 -22.79 21.91 -9.44
C LEU B 582 -22.64 22.56 -10.81
N HIS B 583 -21.77 21.98 -11.66
CA HIS B 583 -21.58 22.63 -12.94
C HIS B 583 -21.18 21.67 -14.07
N VAL B 584 -20.78 20.45 -13.76
CA VAL B 584 -20.44 19.47 -14.80
C VAL B 584 -21.68 18.72 -15.23
N THR B 585 -21.98 18.77 -16.52
CA THR B 585 -23.09 18.01 -17.09
C THR B 585 -22.61 16.68 -17.65
N LYS B 586 -23.54 15.72 -17.69
CA LYS B 586 -23.28 14.42 -18.30
C LYS B 586 -23.06 14.55 -19.81
N LYS B 587 -23.84 15.41 -20.46
CA LYS B 587 -23.69 15.59 -21.90
C LYS B 587 -22.31 16.16 -22.27
N SER B 588 -21.68 16.92 -21.37
CA SER B 588 -20.39 17.50 -21.71
C SER B 588 -19.28 16.46 -21.71
N GLY B 589 -19.46 15.35 -21.01
CA GLY B 589 -18.44 14.33 -20.96
C GLY B 589 -17.23 14.64 -20.08
N VAL B 590 -17.22 15.78 -19.39
CA VAL B 590 -16.15 16.10 -18.44
C VAL B 590 -16.26 15.18 -17.22
N SER B 591 -15.12 14.84 -16.64
CA SER B 591 -15.12 13.93 -15.50
C SER B 591 -15.68 14.61 -14.26
N PRO B 592 -16.46 13.89 -13.43
CA PRO B 592 -16.93 14.44 -12.16
C PRO B 592 -15.99 14.28 -10.97
N ILE B 593 -14.78 13.73 -11.14
CA ILE B 593 -13.91 13.45 -9.98
C ILE B 593 -13.42 14.75 -9.34
N VAL B 594 -12.93 14.65 -8.11
CA VAL B 594 -12.42 15.81 -7.37
C VAL B 594 -10.92 15.98 -7.62
PA FAD C . 39.55 -10.62 -4.39
O1A FAD C . 40.57 -9.72 -3.79
O2A FAD C . 40.14 -11.94 -4.94
O5B FAD C . 38.35 -10.86 -3.35
C5B FAD C . 37.26 -11.76 -3.64
C4B FAD C . 36.94 -12.49 -2.36
O4B FAD C . 35.63 -13.10 -2.45
C3B FAD C . 37.91 -13.62 -1.98
O3B FAD C . 38.17 -13.56 -0.59
C2B FAD C . 37.11 -14.88 -2.34
O2B FAD C . 37.52 -16.02 -1.59
C1B FAD C . 35.71 -14.42 -1.96
N9A FAD C . 34.61 -15.21 -2.50
C8A FAD C . 34.60 -15.94 -3.66
N7A FAD C . 33.46 -16.54 -3.91
C5A FAD C . 32.67 -16.21 -2.81
C6A FAD C . 31.34 -16.53 -2.47
N6A FAD C . 30.55 -17.31 -3.21
N1A FAD C . 30.85 -16.02 -1.31
C2A FAD C . 31.63 -15.23 -0.57
N3A FAD C . 32.90 -14.86 -0.79
C4A FAD C . 33.37 -15.38 -1.94
N1 FAD C . 47.34 -6.41 -8.18
C2 FAD C . 47.98 -5.20 -8.07
O2 FAD C . 47.38 -4.12 -8.29
N3 FAD C . 49.33 -5.16 -7.70
C4 FAD C . 50.14 -6.28 -7.41
O4 FAD C . 51.32 -6.13 -7.10
C4X FAD C . 49.44 -7.55 -7.55
N5 FAD C . 50.12 -8.65 -7.31
C5X FAD C . 49.45 -9.87 -7.43
C6 FAD C . 50.16 -11.05 -7.17
C7 FAD C . 49.54 -12.30 -7.27
C7M FAD C . 50.34 -13.54 -6.98
C8 FAD C . 48.19 -12.37 -7.63
C8M FAD C . 47.49 -13.71 -7.75
C9 FAD C . 47.48 -11.20 -7.89
C9A FAD C . 48.10 -9.95 -7.78
N10 FAD C . 47.40 -8.75 -8.03
C10 FAD C . 48.05 -7.52 -7.92
C1' FAD C . 45.98 -8.76 -8.44
C2' FAD C . 45.03 -8.40 -7.31
O2' FAD C . 45.15 -9.35 -6.27
C3' FAD C . 43.59 -8.42 -7.83
O3' FAD C . 43.43 -7.57 -8.96
C4' FAD C . 42.57 -8.00 -6.77
O4' FAD C . 42.87 -8.67 -5.54
C5' FAD C . 41.14 -8.27 -7.19
O5' FAD C . 40.24 -7.84 -6.15
P FAD C . 38.74 -8.37 -6.09
O1P FAD C . 38.06 -7.57 -4.99
O2P FAD C . 38.19 -8.28 -7.48
O3P FAD C . 38.86 -9.92 -5.65
PA FAD D . -47.90 -1.11 10.75
O1A FAD D . -46.90 -0.16 11.31
O2A FAD D . -47.28 -2.42 10.22
O5B FAD D . -49.05 -1.33 11.83
C5B FAD D . -50.14 -2.26 11.63
C4B FAD D . -50.39 -2.91 12.95
O4B FAD D . -51.69 -3.57 12.97
C3B FAD D . -49.37 -3.98 13.33
O3B FAD D . -49.04 -3.84 14.70
C2B FAD D . -50.11 -5.28 13.02
O2B FAD D . -49.60 -6.39 13.75
C1B FAD D . -51.52 -4.89 13.45
N9A FAD D . -52.61 -5.73 12.94
C8A FAD D . -52.61 -6.46 11.78
N7A FAD D . -53.72 -7.12 11.56
C5A FAD D . -54.51 -6.79 12.66
C6A FAD D . -55.82 -7.17 13.03
N6A FAD D . -56.60 -7.97 12.31
N1A FAD D . -56.32 -6.65 14.18
C2A FAD D . -55.55 -5.84 14.91
N3A FAD D . -54.30 -5.43 14.66
C4A FAD D . -53.83 -5.94 13.51
N1 FAD D . -40.20 3.30 6.75
C2 FAD D . -39.58 4.51 6.82
O2 FAD D . -40.18 5.57 6.57
N3 FAD D . -38.23 4.57 7.16
C4 FAD D . -37.42 3.48 7.48
O4 FAD D . -36.24 3.68 7.79
C4X FAD D . -38.11 2.20 7.41
N5 FAD D . -37.41 1.09 7.70
C5X FAD D . -38.08 -0.13 7.62
C6 FAD D . -37.38 -1.30 7.91
C7 FAD D . -38.01 -2.55 7.86
C7M FAD D . -37.22 -3.80 8.17
C8 FAD D . -39.36 -2.62 7.48
C8M FAD D . -40.08 -3.95 7.42
C9 FAD D . -40.06 -1.45 7.20
C9A FAD D . -39.44 -0.21 7.27
N10 FAD D . -40.12 0.99 6.97
C10 FAD D . -39.49 2.21 7.04
C1' FAD D . -41.55 0.95 6.59
C2' FAD D . -42.49 1.27 7.74
O2' FAD D . -42.21 0.41 8.83
C3' FAD D . -43.93 1.08 7.29
O3' FAD D . -44.15 1.83 6.10
C4' FAD D . -44.95 1.49 8.36
O4' FAD D . -44.70 0.75 9.56
C5' FAD D . -46.39 1.32 7.92
O5' FAD D . -47.26 1.62 9.03
P FAD D . -48.74 1.09 9.08
O1P FAD D . -49.54 1.82 10.18
O2P FAD D . -49.29 1.19 7.69
O3P FAD D . -48.63 -0.44 9.51
N12 TEK E . -54.70 -16.48 20.07
C13 TEK E . -53.93 -17.67 20.30
C15 TEK E . -52.65 -17.59 21.14
C01 TEK E . -57.15 -14.65 18.40
C02 TEK E . -55.84 -13.96 18.73
C04 TEK E . -54.88 -12.97 20.84
C05 TEK E . -55.35 -11.65 20.90
C06 TEK E . -54.61 -10.77 21.67
C07 TEK E . -53.45 -11.16 22.38
C08 TEK E . -52.99 -12.46 22.33
C09 TEK E . -53.72 -13.36 21.55
C11 TEK E . -54.46 -15.16 20.53
N03 TEK E . -55.40 -14.11 20.15
N10 TEK E . -53.47 -14.72 21.35
O14 TEK E . -54.32 -18.73 19.84
#